data_3AE3
#
_entry.id   3AE3
#
_cell.length_a   71.514
_cell.length_b   84.499
_cell.length_c   295.567
_cell.angle_alpha   90.000
_cell.angle_beta   90.000
_cell.angle_gamma   90.000
#
_symmetry.space_group_name_H-M   'P 21 21 21'
#
loop_
_entity.id
_entity.type
_entity.pdbx_description
1 polymer 'Succinate dehydrogenase [ubiquinone] flavoprotein subunit, mitochondrial'
2 polymer 'Succinate dehydrogenase [ubiquinone] iron-sulfur subunit, mitochondrial'
3 polymer 'Succinate dehydrogenase cytochrome b560 subunit, mitochondrial'
4 polymer 'Succinate dehydrogenase [ubiquinone] cytochrome b small subunit, mitochondrial'
5 non-polymer 'FLAVIN-ADENINE DINUCLEOTIDE'
6 non-polymer 'FE2/S2 (INORGANIC) CLUSTER'
7 non-polymer 'IRON/SULFUR CLUSTER'
8 non-polymer 'FE3-S4 CLUSTER'
9 non-polymer 2-nitro-N-phenylbenzamide
10 non-polymer 'PROTOPORPHYRIN IX CONTAINING FE'
11 non-polymer L-ALPHA-PHOSPHATIDYL-BETA-OLEOYL-GAMMA-PALMITOYL-PHOSPHATIDYLETHANOLAMINE
#
loop_
_entity_poly.entity_id
_entity_poly.type
_entity_poly.pdbx_seq_one_letter_code
_entity_poly.pdbx_strand_id
1 'polypeptide(L)'
;SSAKVSDAISTQYPVVDHEFDAVVVGAGGAGLRAAFGLSEAGFNTACVTKLFPTRSHTVAAQGGINAALGNMEEDNWRWH
FYDTVKGSDWLGDQDAIHYMTEQAPASVVELENYGMPFSRTEDGKIYQRAFGGQSLKFGKGGQAHRCCCVADRTGHSLLH
TLYGRSLRYDTSYFVEYFALDLLMENGECRGVIALCIEDGSIHRIRARNTVVATGGYGRTYFSCTSAHTSTGDGTAMVTR
AGLPCQDLEFVQFHPTGIYGAGCLITEGCRGEGGILINSQGERFMERYAPVAKDLASRDVVSRSMTLEIREGRGCGPEKD
HVYLQLHHLPPEQLAVRLPGISETAMIFAGVDVTKEPIPVLPTVHYNMGGIPTNYKGQVLRHVNGQDQVVPGLYACGEAA
CASVHGANRLGANSLLDLVVFGRACALSIAESCRPGDKVPSIKPNAGEESVMNLDKLRFANGTIRTSELRLSMQKSMQSH
AAVFRVGSVLQEGCEKILRLYGDLQHLKTFDRGMVWNTDLVETLELQNLMLCALQTIYGAEARKESRGAHAREDFKERVD
EYDYSKPIQGQQKKPFQEHWRKHTLSYVDVKTGKVSLEYRPVIDKTLNEADCATVPPAIRSY
;
A
2 'polypeptide(L)'
;AQTAAATAPRIKKFAIYRWDPDKTGDKPHMQTYEIDLNNCGPMVLDALIKIKNEIDSTLTFRRSCREGICGSCAMNINGG
NTLACTRRIDTNLDKVSKIYPLPHMYVIKDLVPDLSNFYAQYKSIEPYLKKKDESQEGKQQYLQSIEEREKLDGLYECIL
CACCSTSCPSYWWNGDKYLGPAVLMQAYRWMIDSRDDFTEERLAKLQDPFSLYRCHTIMNCTGTCPKGLNPGKAIAEIKK
MMATYKEKKASA
;
B
3 'polypeptide(L)'
;LGTTAKEEMERFWNKNLGSNRPLSPHITIYRWSLPMAMSICHRGTGIALSAGVSLFGLSALLLPGNFESHLELVKSLCLG
PTLIYTAKFGIVFPLMYHTWNGIRHLIWDLGKGLTIPQLTQSGVVVLILTVLSSVGLAAM
;
C
4 'polypeptide(L)'
;ASSKAASLHWTGERVVSVLLLGLLPAAYLNPCSAMDYSLAAALTLHGHWGIGQVVTDYVRGDALQKAAKAGLLALSAFTF
AGLCYFNYHDVGICKAVAMLWKL
;
D
#
loop_
_chem_comp.id
_chem_comp.type
_chem_comp.name
_chem_comp.formula
EPH non-polymer L-ALPHA-PHOSPHATIDYL-BETA-OLEOYL-GAMMA-PALMITOYL-PHOSPHATIDYLETHANOLAMINE 'C39 H68 N O8 P'
F3S non-polymer 'FE3-S4 CLUSTER' 'Fe3 S4'
FAD non-polymer 'FLAVIN-ADENINE DINUCLEOTIDE' 'C27 H33 N9 O15 P2'
FES non-polymer 'FE2/S2 (INORGANIC) CLUSTER' 'Fe2 S2'
HEM non-polymer 'PROTOPORPHYRIN IX CONTAINING FE' 'C34 H32 Fe N4 O4'
NBI non-polymer 2-nitro-N-phenylbenzamide 'C13 H10 N2 O3'
SF4 non-polymer 'IRON/SULFUR CLUSTER' 'Fe4 S4'
#
# COMPACT_ATOMS: atom_id res chain seq x y z
N SER A 10 -7.68 -26.03 24.14
CA SER A 10 -6.60 -25.26 24.81
C SER A 10 -5.28 -26.02 24.78
N THR A 11 -5.35 -27.32 25.06
CA THR A 11 -4.18 -28.20 25.08
C THR A 11 -3.82 -28.74 23.67
N GLN A 12 -4.51 -28.23 22.66
CA GLN A 12 -4.32 -28.66 21.27
C GLN A 12 -3.50 -27.62 20.47
N TYR A 13 -2.99 -26.61 21.16
CA TYR A 13 -2.33 -25.49 20.51
C TYR A 13 -0.82 -25.41 20.77
N PRO A 14 -0.02 -25.43 19.69
CA PRO A 14 1.43 -25.25 19.80
C PRO A 14 1.79 -23.84 20.26
N VAL A 15 2.54 -23.76 21.36
CA VAL A 15 2.95 -22.47 21.93
C VAL A 15 4.47 -22.25 21.86
N VAL A 16 4.88 -21.20 21.16
CA VAL A 16 6.30 -20.89 21.00
C VAL A 16 6.65 -19.56 21.68
N ASP A 17 7.47 -19.63 22.73
CA ASP A 17 7.87 -18.46 23.50
C ASP A 17 9.04 -17.74 22.84
N HIS A 18 8.91 -16.41 22.73
CA HIS A 18 9.97 -15.56 22.21
C HIS A 18 10.46 -14.60 23.31
N GLU A 19 11.75 -14.31 23.31
CA GLU A 19 12.33 -13.41 24.31
C GLU A 19 12.95 -12.17 23.66
N PHE A 20 12.42 -11.00 24.01
CA PHE A 20 12.85 -9.73 23.43
C PHE A 20 13.08 -8.64 24.48
N ASP A 21 13.67 -7.52 24.06
CA ASP A 21 13.82 -6.34 24.91
C ASP A 21 12.57 -5.47 24.87
N ALA A 22 12.03 -5.29 23.67
CA ALA A 22 10.84 -4.46 23.46
C ALA A 22 9.88 -5.09 22.45
N VAL A 23 8.59 -4.79 22.59
CA VAL A 23 7.57 -5.22 21.64
C VAL A 23 6.70 -4.04 21.22
N VAL A 24 6.56 -3.84 19.92
CA VAL A 24 5.68 -2.81 19.39
C VAL A 24 4.52 -3.49 18.64
N VAL A 25 3.33 -3.37 19.21
CA VAL A 25 2.12 -3.91 18.58
C VAL A 25 1.54 -2.83 17.68
N GLY A 26 1.70 -3.02 16.36
CA GLY A 26 1.29 -2.05 15.36
C GLY A 26 2.42 -1.70 14.43
N ALA A 27 2.15 -1.71 13.14
CA ALA A 27 3.14 -1.31 12.14
C ALA A 27 2.61 -0.15 11.28
N GLY A 28 1.88 0.75 11.92
CA GLY A 28 1.44 1.98 11.27
C GLY A 28 2.58 2.96 11.21
N GLY A 29 2.25 4.26 11.20
CA GLY A 29 3.26 5.30 11.26
C GLY A 29 3.89 5.31 12.65
N ALA A 30 3.03 5.42 13.65
CA ALA A 30 3.43 5.40 15.05
C ALA A 30 4.21 4.14 15.40
N GLY A 31 3.67 2.99 14.99
CA GLY A 31 4.29 1.70 15.28
C GLY A 31 5.70 1.56 14.73
N LEU A 32 5.88 1.99 13.49
CA LEU A 32 7.18 1.94 12.82
C LEU A 32 8.22 2.83 13.50
N ARG A 33 7.89 4.11 13.66
CA ARG A 33 8.81 5.07 14.27
C ARG A 33 9.28 4.58 15.65
N ALA A 34 8.34 4.00 16.41
CA ALA A 34 8.64 3.40 17.70
C ALA A 34 9.54 2.17 17.54
N ALA A 35 9.19 1.31 16.59
CA ALA A 35 9.91 0.06 16.34
C ALA A 35 11.40 0.29 16.03
N PHE A 36 11.70 0.91 14.89
CA PHE A 36 13.09 1.12 14.50
C PHE A 36 13.81 2.16 15.35
N GLY A 37 13.03 3.01 16.02
CA GLY A 37 13.57 3.97 17.00
C GLY A 37 14.17 3.25 18.19
N LEU A 38 13.53 2.16 18.60
CA LEU A 38 14.03 1.30 19.66
C LEU A 38 15.26 0.50 19.23
N SER A 39 15.19 -0.11 18.05
CA SER A 39 16.31 -0.86 17.48
C SER A 39 17.53 0.04 17.30
N GLU A 40 17.29 1.30 16.95
CA GLU A 40 18.34 2.32 16.80
C GLU A 40 19.03 2.60 18.14
N ALA A 41 18.25 2.55 19.21
CA ALA A 41 18.77 2.74 20.57
C ALA A 41 19.56 1.51 21.05
N GLY A 42 19.51 0.44 20.26
CA GLY A 42 20.25 -0.78 20.55
C GLY A 42 19.43 -1.85 21.24
N PHE A 43 18.12 -1.68 21.25
CA PHE A 43 17.19 -2.65 21.86
C PHE A 43 16.78 -3.73 20.86
N ASN A 44 16.77 -4.98 21.32
CA ASN A 44 16.22 -6.07 20.52
C ASN A 44 14.70 -5.95 20.49
N THR A 45 14.19 -5.49 19.35
CA THR A 45 12.79 -5.10 19.24
C THR A 45 12.02 -5.99 18.28
N ALA A 46 10.90 -6.52 18.75
CA ALA A 46 9.93 -7.19 17.89
C ALA A 46 8.81 -6.22 17.52
N CYS A 47 8.28 -6.37 16.31
CA CYS A 47 7.14 -5.56 15.87
C CYS A 47 6.00 -6.44 15.38
N VAL A 48 4.93 -6.51 16.18
CA VAL A 48 3.81 -7.40 15.90
C VAL A 48 2.72 -6.65 15.14
N THR A 49 2.33 -7.18 13.98
CA THR A 49 1.36 -6.52 13.11
C THR A 49 0.50 -7.53 12.35
N LYS A 50 -0.80 -7.27 12.31
CA LYS A 50 -1.75 -8.17 11.64
C LYS A 50 -1.81 -7.92 10.13
N LEU A 51 -1.17 -6.83 9.68
CA LEU A 51 -1.06 -6.51 8.27
C LEU A 51 0.42 -6.31 7.92
N PHE A 52 0.73 -6.35 6.63
CA PHE A 52 2.05 -5.90 6.17
C PHE A 52 2.14 -4.39 6.43
N PRO A 53 3.28 -3.92 6.97
CA PRO A 53 3.43 -2.51 7.38
C PRO A 53 2.89 -1.47 6.40
N THR A 54 3.08 -1.71 5.10
CA THR A 54 2.58 -0.80 4.05
C THR A 54 1.05 -0.70 4.01
N ARG A 55 0.39 -1.81 4.34
CA ARG A 55 -1.08 -1.89 4.26
C ARG A 55 -1.76 -1.12 5.39
N SER A 56 -1.01 -0.83 6.46
CA SER A 56 -1.53 -0.11 7.63
C SER A 56 -2.26 1.15 7.21
N HIS A 57 -3.21 1.61 8.00
CA HIS A 57 -4.11 2.68 7.56
C HIS A 57 -3.59 4.09 7.49
N THR A 58 -2.35 4.35 7.87
CA THR A 58 -1.73 5.65 7.57
C THR A 58 -1.54 5.86 6.07
N VAL A 59 -1.38 4.75 5.33
CA VAL A 59 -1.21 4.79 3.87
C VAL A 59 -2.31 5.62 3.20
N ALA A 60 -3.52 5.54 3.76
CA ALA A 60 -4.70 6.18 3.19
C ALA A 60 -4.75 7.68 3.45
N ALA A 61 -3.87 8.17 4.33
CA ALA A 61 -3.85 9.58 4.70
C ALA A 61 -3.43 10.48 3.53
N GLN A 62 -4.10 11.64 3.43
CA GLN A 62 -4.02 12.46 2.24
C GLN A 62 -3.51 13.88 2.48
N GLY A 63 -4.16 14.59 3.41
CA GLY A 63 -3.92 16.02 3.66
C GLY A 63 -2.46 16.39 3.86
N GLY A 64 -1.92 16.03 5.03
CA GLY A 64 -0.52 16.31 5.32
C GLY A 64 -0.12 16.23 6.78
N ILE A 65 1.08 16.71 7.06
CA ILE A 65 1.67 16.68 8.40
C ILE A 65 2.03 18.11 8.84
N ASN A 66 1.62 18.48 10.05
CA ASN A 66 1.79 19.85 10.53
C ASN A 66 3.14 20.12 11.21
N ALA A 67 3.79 21.19 10.75
CA ALA A 67 5.05 21.68 11.32
C ALA A 67 5.18 23.16 11.02
N ALA A 68 5.61 23.92 12.01
CA ALA A 68 5.77 25.37 11.85
C ALA A 68 7.16 25.73 11.32
N LEU A 69 7.61 25.00 10.30
CA LEU A 69 8.90 25.23 9.66
C LEU A 69 8.99 26.60 8.99
N GLY A 70 7.83 27.17 8.69
CA GLY A 70 7.73 28.49 8.09
C GLY A 70 8.41 28.56 6.73
N ASN A 71 7.85 27.84 5.78
CA ASN A 71 8.39 27.80 4.43
C ASN A 71 7.68 28.73 3.46
N MET A 72 6.40 29.00 3.71
CA MET A 72 5.61 29.92 2.90
C MET A 72 5.80 31.35 3.41
N GLU A 73 5.31 31.61 4.62
CA GLU A 73 5.57 32.85 5.35
C GLU A 73 6.25 32.49 6.67
N GLU A 74 6.84 33.47 7.34
CA GLU A 74 7.51 33.21 8.62
C GLU A 74 6.52 32.82 9.73
N ASP A 75 6.84 31.73 10.41
CA ASP A 75 5.95 31.09 11.38
C ASP A 75 6.70 30.79 12.69
N ASN A 76 5.94 30.49 13.74
CA ASN A 76 6.48 30.11 15.03
C ASN A 76 5.65 28.97 15.63
N TRP A 77 6.32 28.00 16.25
CA TRP A 77 5.68 26.77 16.72
C TRP A 77 4.66 26.97 17.85
N ARG A 78 4.83 28.06 18.60
CA ARG A 78 3.92 28.39 19.69
C ARG A 78 2.54 28.83 19.17
N TRP A 79 2.51 29.35 17.95
CA TRP A 79 1.25 29.70 17.29
C TRP A 79 0.51 28.43 16.86
N HIS A 80 1.28 27.40 16.54
CA HIS A 80 0.75 26.08 16.23
C HIS A 80 0.25 25.42 17.51
N PHE A 81 0.95 25.66 18.62
CA PHE A 81 0.55 25.19 19.94
C PHE A 81 -0.83 25.73 20.32
N TYR A 82 -1.01 27.05 20.15
CA TYR A 82 -2.27 27.71 20.50
C TYR A 82 -3.44 27.14 19.72
N ASP A 83 -3.24 26.91 18.42
CA ASP A 83 -4.29 26.41 17.54
C ASP A 83 -4.80 25.02 17.94
N THR A 84 -3.89 24.21 18.49
CA THR A 84 -4.22 22.85 18.90
C THR A 84 -5.03 22.82 20.19
N VAL A 85 -4.61 23.61 21.18
CA VAL A 85 -5.35 23.69 22.46
C VAL A 85 -6.71 24.33 22.26
N LYS A 86 -6.78 25.33 21.37
CA LYS A 86 -8.05 25.96 21.02
C LYS A 86 -8.91 24.98 20.23
N GLY A 87 -8.25 24.16 19.42
CA GLY A 87 -8.94 23.12 18.66
C GLY A 87 -9.48 22.02 19.55
N SER A 88 -8.76 21.74 20.64
CA SER A 88 -9.14 20.68 21.57
C SER A 88 -10.31 21.05 22.47
N ASP A 89 -10.79 22.29 22.33
CA ASP A 89 -11.88 22.85 23.17
C ASP A 89 -11.54 22.78 24.67
N TRP A 90 -10.25 22.93 24.96
CA TRP A 90 -9.69 22.90 26.32
C TRP A 90 -9.93 21.59 27.10
N LEU A 91 -9.90 20.48 26.36
CA LEU A 91 -9.84 19.15 26.95
C LEU A 91 -8.46 18.54 26.67
N GLY A 92 -7.70 19.24 25.83
CA GLY A 92 -6.33 18.84 25.50
C GLY A 92 -5.35 19.07 26.63
N ASP A 93 -4.54 18.06 26.91
CA ASP A 93 -3.50 18.14 27.93
C ASP A 93 -2.32 18.95 27.39
N GLN A 94 -2.18 20.16 27.87
CA GLN A 94 -1.27 21.16 27.27
C GLN A 94 0.21 20.85 27.43
N ASP A 95 0.53 19.87 28.28
CA ASP A 95 1.92 19.41 28.44
C ASP A 95 2.35 18.58 27.23
N ALA A 96 1.43 17.76 26.72
CA ALA A 96 1.68 16.91 25.57
C ALA A 96 1.66 17.71 24.28
N ILE A 97 0.82 18.75 24.25
CA ILE A 97 0.69 19.62 23.08
C ILE A 97 1.92 20.52 22.90
N HIS A 98 2.50 20.93 24.03
CA HIS A 98 3.78 21.63 24.04
C HIS A 98 4.84 20.77 23.35
N TYR A 99 5.07 19.57 23.90
CA TYR A 99 6.10 18.64 23.40
C TYR A 99 5.93 18.29 21.92
N MET A 100 4.69 18.20 21.45
CA MET A 100 4.41 17.82 20.07
C MET A 100 4.70 18.94 19.09
N THR A 101 4.20 20.14 19.39
CA THR A 101 4.35 21.29 18.50
C THR A 101 5.78 21.85 18.50
N GLU A 102 6.49 21.65 19.61
CA GLU A 102 7.91 21.99 19.68
C GLU A 102 8.73 21.02 18.83
N GLN A 103 8.38 19.74 18.88
CA GLN A 103 9.09 18.73 18.10
C GLN A 103 8.69 18.78 16.63
N ALA A 104 7.54 19.40 16.36
CA ALA A 104 6.94 19.43 15.02
C ALA A 104 7.91 19.71 13.87
N PRO A 105 8.72 20.79 13.96
CA PRO A 105 9.68 21.04 12.90
C PRO A 105 10.77 19.96 12.83
N ALA A 106 11.32 19.61 13.99
CA ALA A 106 12.39 18.61 14.08
C ALA A 106 11.98 17.23 13.55
N SER A 107 10.73 16.84 13.79
CA SER A 107 10.22 15.53 13.38
C SER A 107 9.95 15.43 11.88
N VAL A 108 9.51 16.53 11.28
CA VAL A 108 9.23 16.57 9.84
C VAL A 108 10.52 16.60 9.02
N VAL A 109 11.50 17.38 9.47
CA VAL A 109 12.83 17.41 8.85
C VAL A 109 13.47 16.02 8.87
N GLU A 110 13.37 15.35 10.01
CA GLU A 110 13.84 13.97 10.16
C GLU A 110 13.25 13.04 9.09
N LEU A 111 11.95 13.19 8.84
CA LEU A 111 11.24 12.39 7.84
C LEU A 111 11.68 12.71 6.42
N GLU A 112 11.91 14.00 6.14
CA GLU A 112 12.41 14.44 4.84
C GLU A 112 13.84 13.96 4.63
N ASN A 113 14.60 13.92 5.72
CA ASN A 113 15.97 13.41 5.68
C ASN A 113 16.05 11.90 5.50
N TYR A 114 14.99 11.20 5.91
CA TYR A 114 14.88 9.77 5.64
C TYR A 114 14.65 9.53 4.15
N GLY A 115 13.88 10.41 3.52
CA GLY A 115 13.65 10.33 2.09
C GLY A 115 12.21 10.53 1.64
N MET A 116 11.43 11.20 2.48
CA MET A 116 10.03 11.50 2.15
C MET A 116 9.97 12.57 1.06
N PRO A 117 9.41 12.22 -0.11
CA PRO A 117 9.41 13.09 -1.28
C PRO A 117 8.41 14.24 -1.22
N PHE A 118 8.55 15.10 -0.22
CA PHE A 118 7.67 16.27 -0.05
C PHE A 118 7.62 17.14 -1.31
N SER A 119 6.44 17.70 -1.57
CA SER A 119 6.26 18.68 -2.64
C SER A 119 7.16 19.89 -2.39
N ARG A 120 7.54 20.59 -3.47
CA ARG A 120 8.57 21.62 -3.37
C ARG A 120 8.13 23.03 -3.75
N THR A 121 8.82 24.01 -3.15
CA THR A 121 8.61 25.42 -3.44
C THR A 121 9.58 25.87 -4.54
N GLU A 122 9.62 27.17 -4.81
CA GLU A 122 10.64 27.72 -5.71
C GLU A 122 11.98 27.75 -4.97
N ASP A 123 11.92 28.00 -3.66
CA ASP A 123 13.10 28.07 -2.81
C ASP A 123 13.76 26.71 -2.60
N GLY A 124 13.01 25.64 -2.87
CA GLY A 124 13.51 24.28 -2.77
C GLY A 124 13.16 23.58 -1.46
N LYS A 125 12.32 24.23 -0.66
CA LYS A 125 11.93 23.74 0.66
C LYS A 125 10.60 22.98 0.62
N ILE A 126 10.27 22.32 1.73
CA ILE A 126 9.02 21.55 1.86
C ILE A 126 7.81 22.46 1.70
N TYR A 127 6.95 22.12 0.74
CA TYR A 127 5.74 22.88 0.48
C TYR A 127 4.72 22.69 1.60
N GLN A 128 4.33 23.80 2.22
CA GLN A 128 3.32 23.81 3.27
C GLN A 128 2.00 24.33 2.71
N ARG A 129 0.89 23.89 3.28
CA ARG A 129 -0.43 24.32 2.83
C ARG A 129 -1.33 24.81 3.95
N ALA A 130 -2.31 25.63 3.58
CA ALA A 130 -3.37 26.05 4.50
C ALA A 130 -4.29 24.87 4.81
N PHE A 131 -4.65 24.73 6.08
CA PHE A 131 -5.48 23.62 6.53
C PHE A 131 -6.44 24.15 7.60
N GLY A 132 -7.54 23.44 7.79
CA GLY A 132 -8.59 23.85 8.72
C GLY A 132 -8.14 23.99 10.17
N GLY A 133 -8.50 25.13 10.76
CA GLY A 133 -8.29 25.38 12.19
C GLY A 133 -7.01 26.11 12.58
N GLN A 134 -6.13 26.36 11.60
CA GLN A 134 -4.82 26.93 11.88
C GLN A 134 -4.74 28.43 11.57
N SER A 135 -4.02 29.15 12.44
CA SER A 135 -3.93 30.61 12.36
C SER A 135 -2.54 31.13 12.73
N LEU A 136 -2.24 32.35 12.28
CA LEU A 136 -0.99 33.02 12.63
C LEU A 136 -1.18 33.97 13.82
N LYS A 137 -0.09 34.22 14.54
CA LYS A 137 -0.06 35.15 15.69
C LYS A 137 -1.15 34.88 16.73
N PHE A 138 -1.12 33.68 17.33
CA PHE A 138 -2.08 33.28 18.37
C PHE A 138 -3.54 33.61 18.01
N GLY A 139 -3.92 33.32 16.77
CA GLY A 139 -5.28 33.55 16.30
C GLY A 139 -5.63 35.01 16.06
N LYS A 140 -4.71 35.74 15.43
CA LYS A 140 -4.92 37.15 15.12
C LYS A 140 -4.55 37.49 13.67
N GLY A 141 -3.56 36.78 13.14
CA GLY A 141 -2.99 37.10 11.82
C GLY A 141 -3.46 36.25 10.65
N GLY A 142 -4.77 36.05 10.56
CA GLY A 142 -5.37 35.36 9.42
C GLY A 142 -5.09 33.87 9.36
N GLN A 143 -4.95 33.36 8.14
CA GLN A 143 -4.76 31.93 7.87
C GLN A 143 -3.29 31.52 7.96
N ALA A 144 -3.05 30.36 8.56
CA ALA A 144 -1.70 29.79 8.67
C ALA A 144 -1.43 28.75 7.59
N HIS A 145 -0.24 28.84 6.99
CA HIS A 145 0.22 27.88 5.99
C HIS A 145 1.35 27.05 6.59
N ARG A 146 1.01 25.89 7.17
CA ARG A 146 2.00 25.04 7.82
C ARG A 146 1.77 23.54 7.65
N CYS A 147 0.91 23.17 6.71
CA CYS A 147 0.64 21.77 6.45
C CYS A 147 1.60 21.23 5.39
N CYS A 148 2.65 20.55 5.86
CA CYS A 148 3.62 19.89 4.97
C CYS A 148 2.97 18.68 4.31
N CYS A 149 3.15 18.56 2.99
CA CYS A 149 2.47 17.50 2.24
C CYS A 149 3.27 16.94 1.07
N VAL A 150 3.07 15.64 0.83
CA VAL A 150 3.54 14.97 -0.39
C VAL A 150 2.34 14.86 -1.33
N ALA A 151 2.16 15.89 -2.15
CA ALA A 151 0.99 16.05 -3.01
C ALA A 151 -0.22 15.62 -2.19
N ASP A 152 -1.03 14.72 -2.74
CA ASP A 152 -2.21 14.22 -2.04
C ASP A 152 -2.01 12.88 -1.31
N ARG A 153 -0.79 12.36 -1.38
CA ARG A 153 -0.48 11.04 -0.84
C ARG A 153 0.54 11.12 0.29
N THR A 154 0.30 12.02 1.24
CA THR A 154 1.24 12.28 2.33
C THR A 154 1.37 11.07 3.26
N GLY A 155 0.24 10.51 3.67
CA GLY A 155 0.23 9.34 4.55
C GLY A 155 0.86 8.12 3.90
N HIS A 156 0.60 7.97 2.60
CA HIS A 156 1.20 6.89 1.81
C HIS A 156 2.73 6.98 1.80
N SER A 157 3.24 8.17 1.48
CA SER A 157 4.68 8.41 1.42
C SER A 157 5.32 8.35 2.80
N LEU A 158 4.59 8.85 3.80
CA LEU A 158 5.05 8.80 5.19
C LEU A 158 5.37 7.37 5.60
N LEU A 159 4.40 6.48 5.38
CA LEU A 159 4.51 5.09 5.80
C LEU A 159 5.58 4.33 5.03
N HIS A 160 5.69 4.59 3.74
CA HIS A 160 6.63 3.88 2.88
C HIS A 160 8.09 4.22 3.19
N THR A 161 8.38 5.50 3.39
CA THR A 161 9.74 5.92 3.71
C THR A 161 10.11 5.55 5.14
N LEU A 162 9.10 5.47 6.01
CA LEU A 162 9.31 5.00 7.38
C LEU A 162 9.62 3.52 7.37
N TYR A 163 8.85 2.74 6.62
CA TYR A 163 9.11 1.32 6.46
C TYR A 163 10.46 1.11 5.78
N GLY A 164 10.68 1.82 4.68
CA GLY A 164 11.94 1.76 3.96
C GLY A 164 13.11 1.87 4.90
N ARG A 165 13.08 2.89 5.76
CA ARG A 165 14.15 3.17 6.72
C ARG A 165 14.30 2.06 7.74
N SER A 166 13.18 1.45 8.11
CA SER A 166 13.16 0.43 9.17
C SER A 166 13.88 -0.87 8.79
N LEU A 167 14.28 -0.99 7.52
CA LEU A 167 15.01 -2.16 7.05
C LEU A 167 16.50 -2.08 7.36
N ARG A 168 16.95 -0.95 7.89
CA ARG A 168 18.36 -0.75 8.21
C ARG A 168 18.75 -1.37 9.55
N TYR A 169 17.75 -1.83 10.30
CA TYR A 169 17.97 -2.35 11.65
C TYR A 169 17.53 -3.80 11.80
N ASP A 170 17.92 -4.43 12.90
CA ASP A 170 17.61 -5.82 13.19
C ASP A 170 16.26 -5.99 13.91
N THR A 171 15.27 -5.25 13.46
CA THR A 171 13.92 -5.29 14.03
C THR A 171 13.18 -6.52 13.51
N SER A 172 12.87 -7.45 14.42
CA SER A 172 12.19 -8.70 14.06
C SER A 172 10.69 -8.49 13.85
N TYR A 173 10.29 -8.35 12.58
CA TYR A 173 8.89 -8.11 12.24
C TYR A 173 8.06 -9.38 12.20
N PHE A 174 7.13 -9.49 13.14
CA PHE A 174 6.13 -10.56 13.12
C PHE A 174 4.96 -10.11 12.23
N VAL A 175 5.10 -10.37 10.93
CA VAL A 175 4.15 -9.89 9.93
C VAL A 175 2.95 -10.82 9.81
N GLU A 176 1.76 -10.22 9.75
CA GLU A 176 0.48 -10.94 9.75
C GLU A 176 0.33 -11.84 10.98
N TYR A 177 0.49 -11.21 12.15
CA TYR A 177 0.27 -11.84 13.44
C TYR A 177 -0.78 -11.05 14.20
N PHE A 178 -1.86 -11.71 14.57
CA PHE A 178 -2.93 -11.07 15.32
C PHE A 178 -2.65 -11.13 16.82
N ALA A 179 -2.43 -9.96 17.43
CA ALA A 179 -2.22 -9.86 18.87
C ALA A 179 -3.56 -9.98 19.59
N LEU A 180 -3.62 -10.92 20.54
CA LEU A 180 -4.87 -11.24 21.22
C LEU A 180 -5.06 -10.44 22.51
N ASP A 181 -4.10 -10.55 23.42
CA ASP A 181 -4.16 -9.90 24.73
C ASP A 181 -2.77 -9.53 25.24
N LEU A 182 -2.73 -8.63 26.22
CA LEU A 182 -1.49 -8.24 26.88
C LEU A 182 -1.08 -9.27 27.93
N LEU A 183 0.18 -9.68 27.89
CA LEU A 183 0.73 -10.53 28.94
C LEU A 183 0.96 -9.70 30.20
N MET A 184 0.04 -9.85 31.15
CA MET A 184 0.01 -9.01 32.34
C MET A 184 0.21 -9.83 33.61
N GLU A 185 1.09 -9.35 34.48
CA GLU A 185 1.34 -10.01 35.77
C GLU A 185 1.59 -8.97 36.88
N ASN A 186 0.74 -9.02 37.90
CA ASN A 186 0.78 -8.10 39.04
C ASN A 186 0.78 -6.63 38.64
N GLY A 187 -0.10 -6.28 37.71
CA GLY A 187 -0.25 -4.90 37.23
C GLY A 187 0.90 -4.39 36.40
N GLU A 188 1.76 -5.30 35.96
CA GLU A 188 2.96 -4.94 35.18
C GLU A 188 2.98 -5.72 33.86
N CYS A 189 3.19 -5.01 32.76
CA CYS A 189 3.18 -5.62 31.43
C CYS A 189 4.46 -6.37 31.14
N ARG A 190 4.30 -7.59 30.63
CA ARG A 190 5.42 -8.50 30.42
C ARG A 190 5.60 -8.86 28.95
N GLY A 191 4.59 -8.55 28.13
CA GLY A 191 4.65 -8.82 26.70
C GLY A 191 3.29 -8.96 26.03
N VAL A 192 3.24 -9.79 24.99
CA VAL A 192 2.01 -10.04 24.23
C VAL A 192 1.88 -11.52 23.88
N ILE A 193 0.67 -12.04 23.99
CA ILE A 193 0.32 -13.34 23.42
C ILE A 193 -0.42 -13.09 22.10
N ALA A 194 0.02 -13.75 21.04
CA ALA A 194 -0.48 -13.47 19.69
C ALA A 194 -0.69 -14.69 18.81
N LEU A 195 -1.73 -14.64 17.99
CA LEU A 195 -2.01 -15.66 16.99
C LEU A 195 -1.24 -15.39 15.71
N CYS A 196 -0.55 -16.41 15.21
CA CYS A 196 0.08 -16.36 13.89
C CYS A 196 -0.95 -16.82 12.85
N ILE A 197 -1.36 -15.90 11.98
CA ILE A 197 -2.41 -16.17 11.00
C ILE A 197 -1.98 -17.23 9.97
N GLU A 198 -0.68 -17.25 9.66
CA GLU A 198 -0.15 -18.10 8.59
C GLU A 198 -0.26 -19.62 8.85
N ASP A 199 -0.23 -20.03 10.12
CA ASP A 199 -0.29 -21.46 10.46
C ASP A 199 -1.09 -21.78 11.73
N GLY A 200 -1.82 -20.80 12.24
CA GLY A 200 -2.71 -21.00 13.39
C GLY A 200 -2.06 -21.10 14.75
N SER A 201 -0.72 -21.12 14.79
CA SER A 201 0.03 -21.25 16.03
C SER A 201 -0.05 -19.99 16.90
N ILE A 202 0.24 -20.14 18.19
CA ILE A 202 0.14 -19.06 19.16
C ILE A 202 1.49 -18.79 19.81
N HIS A 203 1.92 -17.52 19.76
CA HIS A 203 3.25 -17.12 20.21
C HIS A 203 3.23 -16.16 21.40
N ARG A 204 4.04 -16.49 22.41
CA ARG A 204 4.22 -15.64 23.58
C ARG A 204 5.47 -14.79 23.41
N ILE A 205 5.28 -13.57 22.92
CA ILE A 205 6.39 -12.63 22.75
C ILE A 205 6.49 -11.75 23.99
N ARG A 206 7.41 -12.11 24.88
CA ARG A 206 7.59 -11.37 26.13
C ARG A 206 8.74 -10.35 26.08
N ALA A 207 8.49 -9.17 26.63
CA ALA A 207 9.48 -8.08 26.66
C ALA A 207 9.29 -7.15 27.85
N ARG A 208 10.41 -6.61 28.33
CA ARG A 208 10.43 -5.68 29.47
C ARG A 208 9.52 -4.46 29.25
N ASN A 209 9.44 -4.02 28.00
CA ASN A 209 8.59 -2.90 27.61
C ASN A 209 7.73 -3.23 26.40
N THR A 210 6.48 -2.75 26.42
CA THR A 210 5.52 -3.05 25.38
C THR A 210 4.87 -1.76 24.89
N VAL A 211 4.91 -1.53 23.58
CA VAL A 211 4.32 -0.34 22.98
C VAL A 211 3.08 -0.72 22.17
N VAL A 212 1.95 -0.13 22.52
CA VAL A 212 0.70 -0.37 21.82
C VAL A 212 0.43 0.78 20.85
N ALA A 213 0.38 0.47 19.56
CA ALA A 213 0.10 1.46 18.53
C ALA A 213 -0.82 0.89 17.45
N THR A 214 -2.00 0.44 17.87
CA THR A 214 -2.92 -0.29 17.01
C THR A 214 -3.91 0.60 16.26
N GLY A 215 -3.81 1.91 16.45
CA GLY A 215 -4.67 2.86 15.75
C GLY A 215 -6.12 2.85 16.20
N GLY A 216 -6.98 3.51 15.43
CA GLY A 216 -8.37 3.77 15.80
C GLY A 216 -9.32 2.59 15.72
N TYR A 217 -10.60 2.89 15.87
CA TYR A 217 -11.66 1.87 15.87
C TYR A 217 -12.92 2.35 15.13
N GLY A 218 -12.72 2.93 13.96
CA GLY A 218 -13.82 3.46 13.15
C GLY A 218 -14.85 2.43 12.71
N ARG A 219 -14.48 1.16 12.70
CA ARG A 219 -15.37 0.07 12.27
C ARG A 219 -16.44 -0.27 13.31
N THR A 220 -16.54 0.54 14.35
CA THR A 220 -17.65 0.45 15.30
C THR A 220 -18.92 1.04 14.67
N TYR A 221 -18.72 1.99 13.76
CA TYR A 221 -19.82 2.68 13.07
C TYR A 221 -20.09 2.10 11.69
N PHE A 222 -21.29 2.33 11.17
CA PHE A 222 -21.67 1.86 9.83
C PHE A 222 -21.09 2.71 8.70
N SER A 223 -20.77 3.97 9.00
CA SER A 223 -20.22 4.89 8.00
C SER A 223 -18.93 5.52 8.47
N CYS A 224 -17.80 5.00 7.97
CA CYS A 224 -16.48 5.49 8.35
C CYS A 224 -15.54 5.64 7.15
N THR A 225 -14.55 6.52 7.29
CA THR A 225 -13.53 6.68 6.26
C THR A 225 -12.41 5.65 6.44
N SER A 226 -12.26 5.16 7.67
CA SER A 226 -11.18 4.24 8.02
C SER A 226 -11.35 2.85 7.41
N ALA A 227 -10.24 2.11 7.36
CA ALA A 227 -10.17 0.79 6.74
C ALA A 227 -11.01 -0.26 7.46
N HIS A 228 -11.21 -1.41 6.83
CA HIS A 228 -11.89 -2.56 7.43
C HIS A 228 -11.15 -3.06 8.68
N THR A 229 -9.85 -2.81 8.71
CA THR A 229 -8.98 -3.32 9.77
C THR A 229 -8.92 -2.45 11.02
N SER A 230 -9.33 -1.18 10.89
CA SER A 230 -9.34 -0.24 12.02
C SER A 230 -10.41 -0.64 13.03
N THR A 231 -10.07 -1.61 13.88
CA THR A 231 -11.03 -2.23 14.78
C THR A 231 -10.71 -2.08 16.27
N GLY A 232 -9.78 -1.16 16.58
CA GLY A 232 -9.39 -0.87 17.97
C GLY A 232 -9.10 -2.11 18.79
N ASP A 233 -8.01 -2.79 18.45
CA ASP A 233 -7.65 -4.06 19.08
C ASP A 233 -6.80 -3.87 20.35
N GLY A 234 -5.85 -2.93 20.29
CA GLY A 234 -5.00 -2.61 21.45
C GLY A 234 -5.79 -1.99 22.57
N THR A 235 -6.72 -1.10 22.21
CA THR A 235 -7.65 -0.49 23.15
C THR A 235 -8.47 -1.55 23.90
N ALA A 236 -8.78 -2.64 23.20
CA ALA A 236 -9.51 -3.76 23.79
C ALA A 236 -8.65 -4.61 24.73
N MET A 237 -7.41 -4.89 24.31
CA MET A 237 -6.46 -5.67 25.11
C MET A 237 -6.17 -4.98 26.44
N VAL A 238 -6.23 -3.65 26.42
CA VAL A 238 -6.08 -2.82 27.59
C VAL A 238 -7.29 -2.96 28.52
N THR A 239 -8.50 -2.87 27.96
CA THR A 239 -9.72 -2.96 28.76
C THR A 239 -9.94 -4.36 29.31
N ARG A 240 -9.43 -5.36 28.59
CA ARG A 240 -9.44 -6.74 29.06
C ARG A 240 -8.43 -6.98 30.19
N ALA A 241 -7.51 -6.03 30.37
CA ALA A 241 -6.55 -6.07 31.46
C ALA A 241 -7.06 -5.29 32.67
N GLY A 242 -8.19 -4.63 32.50
CA GLY A 242 -8.83 -3.86 33.57
C GLY A 242 -8.33 -2.42 33.65
N LEU A 243 -7.50 -2.03 32.70
CA LEU A 243 -6.97 -0.67 32.64
C LEU A 243 -7.98 0.24 31.94
N PRO A 244 -8.01 1.54 32.32
CA PRO A 244 -9.02 2.46 31.79
C PRO A 244 -8.78 2.89 30.34
N CYS A 245 -9.86 3.33 29.69
CA CYS A 245 -9.81 3.95 28.37
C CYS A 245 -10.39 5.35 28.43
N GLN A 246 -9.68 6.31 27.86
CA GLN A 246 -10.01 7.72 28.03
C GLN A 246 -10.74 8.34 26.84
N ASP A 247 -11.67 9.24 27.15
CA ASP A 247 -12.33 10.10 26.16
C ASP A 247 -12.87 9.41 24.90
N LEU A 248 -13.38 8.19 25.08
CA LEU A 248 -13.84 7.37 23.96
C LEU A 248 -15.10 7.89 23.29
N GLU A 249 -15.89 8.67 24.02
CA GLU A 249 -17.11 9.28 23.48
C GLU A 249 -16.80 10.35 22.43
N PHE A 250 -15.53 10.73 22.36
CA PHE A 250 -15.08 11.74 21.40
C PHE A 250 -14.63 11.11 20.09
N VAL A 251 -15.57 11.04 19.15
CA VAL A 251 -15.34 10.49 17.81
C VAL A 251 -15.46 11.62 16.80
N GLN A 252 -14.43 11.80 15.97
CA GLN A 252 -14.40 12.90 15.00
C GLN A 252 -15.12 12.54 13.71
N PHE A 253 -16.07 13.41 13.33
CA PHE A 253 -16.78 13.27 12.08
C PHE A 253 -16.18 14.21 11.05
N HIS A 254 -15.44 13.63 10.10
CA HIS A 254 -14.85 14.40 9.00
C HIS A 254 -15.95 14.92 8.08
N PRO A 255 -15.91 16.22 7.77
CA PRO A 255 -16.96 16.87 6.97
C PRO A 255 -17.14 16.25 5.58
N THR A 256 -16.05 16.05 4.86
CA THR A 256 -16.11 15.66 3.45
C THR A 256 -15.73 14.19 3.20
N GLY A 257 -16.72 13.38 2.91
CA GLY A 257 -16.53 11.96 2.59
C GLY A 257 -17.49 11.51 1.51
N ILE A 258 -16.99 10.68 0.59
CA ILE A 258 -17.78 10.18 -0.55
C ILE A 258 -19.11 9.55 -0.13
N TYR A 259 -20.17 9.96 -0.80
CA TYR A 259 -21.55 9.51 -0.52
C TYR A 259 -21.70 7.98 -0.59
N GLY A 260 -20.93 7.33 -1.45
CA GLY A 260 -21.00 5.88 -1.63
C GLY A 260 -20.38 5.08 -0.50
N ALA A 261 -19.18 4.55 -0.74
CA ALA A 261 -18.49 3.67 0.21
C ALA A 261 -17.89 4.38 1.43
N GLY A 262 -18.00 5.71 1.45
CA GLY A 262 -17.56 6.49 2.60
C GLY A 262 -16.10 6.89 2.56
N CYS A 263 -15.49 6.81 1.37
CA CYS A 263 -14.08 7.16 1.18
C CYS A 263 -13.84 8.65 1.43
N LEU A 264 -12.62 9.00 1.83
CA LEU A 264 -12.30 10.38 2.19
C LEU A 264 -12.02 11.28 0.99
N ILE A 265 -12.53 12.50 1.09
CA ILE A 265 -12.09 13.61 0.25
C ILE A 265 -11.45 14.60 1.22
N THR A 266 -10.14 14.80 1.09
CA THR A 266 -9.32 15.49 2.10
C THR A 266 -9.75 16.93 2.42
N GLU A 267 -9.36 17.39 3.61
CA GLU A 267 -9.54 18.78 4.03
C GLU A 267 -8.60 19.71 3.26
N GLY A 268 -7.63 19.09 2.57
CA GLY A 268 -6.73 19.81 1.65
C GLY A 268 -7.46 20.42 0.47
N CYS A 269 -8.61 19.85 0.13
CA CYS A 269 -9.50 20.40 -0.90
C CYS A 269 -9.98 21.79 -0.50
N ARG A 270 -10.36 21.95 0.77
CA ARG A 270 -10.86 23.21 1.31
C ARG A 270 -9.76 24.21 1.65
N GLY A 271 -8.52 23.72 1.77
CA GLY A 271 -7.37 24.57 2.03
C GLY A 271 -6.71 25.08 0.76
N GLU A 272 -7.17 24.57 -0.38
CA GLU A 272 -6.65 24.95 -1.70
C GLU A 272 -7.64 25.83 -2.47
N GLY A 273 -8.51 26.52 -1.72
CA GLY A 273 -9.50 27.43 -2.31
C GLY A 273 -10.88 26.81 -2.52
N GLY A 274 -11.02 25.55 -2.10
CA GLY A 274 -12.28 24.81 -2.26
C GLY A 274 -13.42 25.40 -1.44
N ILE A 275 -14.63 25.25 -1.95
CA ILE A 275 -15.83 25.82 -1.33
C ILE A 275 -16.88 24.72 -1.08
N LEU A 276 -17.55 24.81 0.07
CA LEU A 276 -18.60 23.87 0.44
C LEU A 276 -19.98 24.49 0.19
N ILE A 277 -20.71 23.92 -0.78
CA ILE A 277 -21.98 24.47 -1.27
C ILE A 277 -23.16 23.52 -1.01
N ASN A 278 -24.25 24.06 -0.48
CA ASN A 278 -25.45 23.28 -0.13
C ASN A 278 -26.42 23.04 -1.28
N SER A 279 -27.70 22.93 -0.96
CA SER A 279 -28.76 22.66 -1.92
C SER A 279 -29.10 23.84 -2.82
N GLN A 280 -29.28 25.02 -2.21
CA GLN A 280 -29.70 26.21 -2.94
C GLN A 280 -28.59 26.81 -3.80
N GLY A 281 -27.34 26.53 -3.43
CA GLY A 281 -26.18 27.11 -4.10
C GLY A 281 -25.46 28.10 -3.21
N GLU A 282 -26.00 28.28 -2.00
CA GLU A 282 -25.46 29.20 -1.01
C GLU A 282 -24.14 28.68 -0.44
N ARG A 283 -23.13 29.57 -0.38
CA ARG A 283 -21.91 29.30 0.36
C ARG A 283 -22.26 29.41 1.84
N PHE A 284 -22.84 28.33 2.37
CA PHE A 284 -23.45 28.33 3.71
C PHE A 284 -22.45 28.44 4.85
N MET A 285 -21.19 28.11 4.58
CA MET A 285 -20.11 28.25 5.56
C MET A 285 -19.68 29.72 5.70
N GLU A 286 -20.67 30.61 5.66
CA GLU A 286 -20.47 32.04 5.84
C GLU A 286 -21.68 32.56 6.63
N ARG A 287 -22.72 31.73 6.67
CA ARG A 287 -23.91 31.95 7.51
C ARG A 287 -23.64 31.45 8.92
N TYR A 288 -22.82 30.40 9.03
CA TYR A 288 -22.43 29.81 10.31
C TYR A 288 -21.13 30.40 10.83
N ALA A 289 -20.03 30.11 10.13
CA ALA A 289 -18.71 30.61 10.49
C ALA A 289 -18.30 31.79 9.61
N PRO A 290 -18.15 32.99 10.21
CA PRO A 290 -17.77 34.19 9.46
C PRO A 290 -16.25 34.41 9.35
N VAL A 291 -15.53 34.18 10.44
CA VAL A 291 -14.09 34.49 10.51
C VAL A 291 -13.24 33.51 9.71
N ALA A 292 -13.30 32.22 10.05
CA ALA A 292 -12.48 31.19 9.41
C ALA A 292 -13.18 30.52 8.23
N LYS A 293 -14.52 30.64 8.19
CA LYS A 293 -15.37 30.14 7.10
C LYS A 293 -15.31 28.62 6.89
N ASP A 294 -15.30 28.17 5.64
CA ASP A 294 -15.25 26.74 5.31
C ASP A 294 -13.88 26.08 5.57
N LEU A 295 -13.05 26.76 6.37
CA LEU A 295 -11.77 26.23 6.79
C LEU A 295 -11.67 26.26 8.32
N ALA A 296 -12.80 25.94 8.97
CA ALA A 296 -12.93 25.92 10.43
C ALA A 296 -12.64 24.51 10.99
N SER A 297 -12.79 24.37 12.31
CA SER A 297 -12.56 23.10 13.00
C SER A 297 -13.46 21.98 12.48
N ARG A 298 -12.94 20.75 12.49
CA ARG A 298 -13.65 19.59 11.93
C ARG A 298 -15.03 19.34 12.53
N ASP A 299 -15.19 19.66 13.82
CA ASP A 299 -16.47 19.45 14.51
C ASP A 299 -17.50 20.52 14.19
N VAL A 300 -17.03 21.73 13.87
CA VAL A 300 -17.90 22.88 13.57
C VAL A 300 -18.49 22.78 12.15
N VAL A 301 -17.65 22.39 11.19
CA VAL A 301 -18.07 22.23 9.80
C VAL A 301 -19.10 21.11 9.65
N SER A 302 -18.84 19.98 10.30
CA SER A 302 -19.75 18.83 10.30
C SER A 302 -21.08 19.14 11.00
N ARG A 303 -21.01 19.98 12.04
CA ARG A 303 -22.19 20.44 12.76
C ARG A 303 -23.09 21.28 11.86
N SER A 304 -22.46 22.12 11.05
CA SER A 304 -23.16 22.92 10.04
C SER A 304 -23.72 22.01 8.94
N MET A 305 -22.90 21.07 8.49
CA MET A 305 -23.28 20.12 7.43
C MET A 305 -24.47 19.26 7.82
N THR A 306 -24.46 18.73 9.04
CA THR A 306 -25.55 17.89 9.54
C THR A 306 -26.81 18.71 9.74
N LEU A 307 -26.67 19.90 10.33
CA LEU A 307 -27.82 20.79 10.56
C LEU A 307 -28.16 21.62 9.32
N GLU A 308 -27.87 21.05 8.14
CA GLU A 308 -28.31 21.59 6.86
C GLU A 308 -29.23 20.57 6.18
N ILE A 309 -28.91 19.29 6.37
CA ILE A 309 -29.69 18.18 5.83
C ILE A 309 -31.00 18.02 6.62
N ARG A 310 -30.92 18.29 7.93
CA ARG A 310 -32.09 18.24 8.81
C ARG A 310 -33.15 19.26 8.38
N GLU A 311 -32.70 20.34 7.74
CA GLU A 311 -33.57 21.39 7.23
C GLU A 311 -34.27 20.95 5.93
N GLY A 312 -33.75 19.88 5.32
CA GLY A 312 -34.31 19.33 4.08
C GLY A 312 -33.55 19.76 2.84
N ARG A 313 -32.35 20.28 3.03
CA ARG A 313 -31.54 20.84 1.95
C ARG A 313 -30.53 19.81 1.41
N GLY A 314 -31.06 18.70 0.89
CA GLY A 314 -30.24 17.61 0.35
C GLY A 314 -29.87 17.79 -1.11
N CYS A 315 -29.43 16.70 -1.75
CA CYS A 315 -28.94 16.77 -3.14
C CYS A 315 -29.39 15.62 -4.05
N GLY A 316 -29.17 14.38 -3.61
CA GLY A 316 -29.41 13.20 -4.45
C GLY A 316 -30.86 12.75 -4.58
N PRO A 317 -31.08 11.45 -4.87
CA PRO A 317 -32.43 10.89 -4.98
C PRO A 317 -33.12 10.66 -3.63
N GLU A 318 -32.36 10.86 -2.55
CA GLU A 318 -32.88 10.75 -1.18
C GLU A 318 -32.78 12.10 -0.48
N LYS A 319 -31.97 13.00 -1.04
CA LYS A 319 -31.66 14.31 -0.46
C LYS A 319 -31.06 14.18 0.95
N ASP A 320 -29.84 13.65 1.01
CA ASP A 320 -29.19 13.34 2.29
C ASP A 320 -27.72 13.77 2.38
N HIS A 321 -27.19 14.36 1.31
CA HIS A 321 -25.79 14.79 1.30
C HIS A 321 -25.60 16.25 0.81
N VAL A 322 -24.35 16.71 0.85
CA VAL A 322 -23.98 18.08 0.47
C VAL A 322 -22.90 18.03 -0.64
N TYR A 323 -22.55 19.18 -1.21
CA TYR A 323 -21.54 19.25 -2.27
C TYR A 323 -20.25 19.98 -1.86
N LEU A 324 -19.11 19.48 -2.35
CA LEU A 324 -17.83 20.19 -2.28
C LEU A 324 -17.45 20.54 -3.70
N GLN A 325 -17.45 21.83 -4.01
CA GLN A 325 -17.25 22.29 -5.40
C GLN A 325 -15.79 22.61 -5.73
N LEU A 326 -15.31 22.01 -6.81
CA LEU A 326 -13.96 22.26 -7.35
C LEU A 326 -14.05 22.69 -8.81
N HIS A 327 -15.23 23.21 -9.19
CA HIS A 327 -15.52 23.67 -10.55
C HIS A 327 -14.73 24.93 -10.92
N HIS A 328 -14.41 25.75 -9.92
CA HIS A 328 -13.79 27.06 -10.15
C HIS A 328 -12.26 27.07 -10.12
N LEU A 329 -11.66 26.17 -9.34
CA LEU A 329 -10.20 26.09 -9.22
C LEU A 329 -9.53 25.74 -10.54
N PRO A 330 -8.33 26.32 -10.81
CA PRO A 330 -7.57 26.01 -12.02
C PRO A 330 -7.25 24.51 -12.15
N PRO A 331 -7.33 23.97 -13.38
CA PRO A 331 -7.07 22.54 -13.64
C PRO A 331 -5.64 22.10 -13.31
N GLU A 332 -4.68 23.00 -13.52
CA GLU A 332 -3.26 22.72 -13.24
C GLU A 332 -2.97 22.55 -11.76
N GLN A 333 -3.72 23.27 -10.92
CA GLN A 333 -3.59 23.20 -9.46
C GLN A 333 -4.15 21.89 -8.93
N LEU A 334 -5.23 21.40 -9.55
CA LEU A 334 -5.88 20.16 -9.15
C LEU A 334 -5.02 18.93 -9.41
N ALA A 335 -4.25 18.97 -10.50
CA ALA A 335 -3.38 17.86 -10.89
C ALA A 335 -2.12 17.78 -10.03
N VAL A 336 -1.52 18.95 -9.74
CA VAL A 336 -0.27 19.03 -9.01
C VAL A 336 -0.47 18.81 -7.49
N ARG A 337 -1.50 19.41 -6.93
CA ARG A 337 -1.70 19.42 -5.47
C ARG A 337 -2.58 18.29 -4.94
N LEU A 338 -3.56 17.86 -5.73
CA LEU A 338 -4.51 16.83 -5.29
C LEU A 338 -4.82 15.76 -6.37
N PRO A 339 -3.82 14.97 -6.77
CA PRO A 339 -4.08 13.95 -7.79
C PRO A 339 -4.79 12.70 -7.25
N GLY A 340 -4.72 12.51 -5.93
CA GLY A 340 -5.27 11.33 -5.28
C GLY A 340 -6.79 11.31 -5.22
N ILE A 341 -7.37 12.46 -4.84
CA ILE A 341 -8.83 12.60 -4.81
C ILE A 341 -9.42 12.78 -6.22
N SER A 342 -8.57 13.13 -7.18
CA SER A 342 -8.98 13.24 -8.59
C SER A 342 -9.42 11.88 -9.15
N GLU A 343 -8.64 10.84 -8.82
CA GLU A 343 -8.93 9.48 -9.26
C GLU A 343 -10.09 8.86 -8.49
N THR A 344 -10.05 8.96 -7.16
CA THR A 344 -11.04 8.34 -6.28
C THR A 344 -12.44 8.95 -6.38
N ALA A 345 -12.52 10.23 -6.79
CA ALA A 345 -13.80 10.87 -7.09
C ALA A 345 -14.38 10.31 -8.38
N MET A 346 -13.50 9.98 -9.32
CA MET A 346 -13.89 9.38 -10.59
C MET A 346 -14.21 7.89 -10.44
N ILE A 347 -13.40 7.18 -9.65
CA ILE A 347 -13.55 5.75 -9.45
C ILE A 347 -14.82 5.38 -8.67
N PHE A 348 -15.06 6.09 -7.57
CA PHE A 348 -16.17 5.76 -6.67
C PHE A 348 -17.46 6.52 -6.94
N ALA A 349 -17.35 7.74 -7.48
CA ALA A 349 -18.52 8.59 -7.72
C ALA A 349 -18.77 8.90 -9.19
N GLY A 350 -17.80 8.58 -10.05
CA GLY A 350 -17.91 8.85 -11.49
C GLY A 350 -17.93 10.33 -11.80
N VAL A 351 -17.11 11.08 -11.06
CA VAL A 351 -17.14 12.55 -11.10
C VAL A 351 -15.82 13.14 -11.59
N ASP A 352 -15.91 13.97 -12.62
CA ASP A 352 -14.79 14.76 -13.09
C ASP A 352 -14.63 15.95 -12.15
N VAL A 353 -13.48 16.01 -11.49
CA VAL A 353 -13.22 17.02 -10.45
C VAL A 353 -13.23 18.47 -10.95
N THR A 354 -12.89 18.68 -12.22
CA THR A 354 -12.78 20.02 -12.80
C THR A 354 -14.08 20.53 -13.45
N LYS A 355 -15.01 19.61 -13.72
CA LYS A 355 -16.27 19.94 -14.38
C LYS A 355 -17.49 19.83 -13.44
N GLU A 356 -17.33 19.06 -12.36
CA GLU A 356 -18.44 18.73 -11.46
C GLU A 356 -18.04 18.83 -9.98
N PRO A 357 -19.02 18.99 -9.07
CA PRO A 357 -18.73 18.93 -7.63
C PRO A 357 -18.80 17.50 -7.09
N ILE A 358 -18.26 17.29 -5.88
CA ILE A 358 -18.25 15.96 -5.25
C ILE A 358 -19.31 15.85 -4.17
N PRO A 359 -20.15 14.79 -4.23
CA PRO A 359 -21.12 14.52 -3.16
C PRO A 359 -20.45 14.08 -1.85
N VAL A 360 -20.54 14.94 -0.83
CA VAL A 360 -19.88 14.72 0.46
C VAL A 360 -20.86 14.50 1.61
N LEU A 361 -20.39 13.83 2.67
CA LEU A 361 -21.18 13.59 3.87
C LEU A 361 -20.27 13.50 5.09
N PRO A 362 -20.69 14.07 6.23
CA PRO A 362 -19.95 13.90 7.48
C PRO A 362 -19.96 12.43 7.91
N THR A 363 -18.77 11.83 7.94
CA THR A 363 -18.61 10.42 8.30
C THR A 363 -17.51 10.25 9.35
N VAL A 364 -17.63 9.19 10.16
CA VAL A 364 -16.64 8.85 11.19
C VAL A 364 -15.24 8.79 10.60
N HIS A 365 -14.28 9.39 11.29
CA HIS A 365 -12.94 9.58 10.74
C HIS A 365 -11.82 9.31 11.72
N TYR A 366 -11.88 9.95 12.89
CA TYR A 366 -10.80 9.87 13.86
C TYR A 366 -11.31 9.63 15.28
N ASN A 367 -10.56 8.83 16.05
CA ASN A 367 -10.86 8.59 17.46
C ASN A 367 -9.81 9.25 18.36
N MET A 368 -10.12 10.46 18.85
CA MET A 368 -9.20 11.19 19.74
C MET A 368 -9.09 10.56 21.13
N GLY A 369 -10.09 9.75 21.49
CA GLY A 369 -10.03 8.93 22.69
C GLY A 369 -9.08 7.75 22.50
N GLY A 370 -8.83 7.03 23.58
CA GLY A 370 -7.97 5.86 23.55
C GLY A 370 -7.31 5.57 24.88
N ILE A 371 -6.13 4.98 24.81
CA ILE A 371 -5.38 4.60 26.00
C ILE A 371 -4.72 5.82 26.64
N PRO A 372 -5.05 6.11 27.93
CA PRO A 372 -4.51 7.27 28.66
C PRO A 372 -2.97 7.28 28.67
N THR A 373 -2.39 8.44 28.39
CA THR A 373 -0.95 8.54 28.13
C THR A 373 -0.33 9.83 28.65
N ASN A 374 0.93 9.72 29.09
CA ASN A 374 1.78 10.86 29.43
C ASN A 374 2.10 11.74 28.22
N TYR A 375 3.06 12.65 28.39
CA TYR A 375 3.73 13.24 27.24
C TYR A 375 4.90 12.34 26.85
N LYS A 376 5.16 11.35 27.72
CA LYS A 376 6.25 10.40 27.55
C LYS A 376 5.80 9.10 26.89
N GLY A 377 4.50 8.95 26.71
CA GLY A 377 3.96 7.76 26.05
C GLY A 377 3.60 6.64 26.99
N GLN A 378 3.76 6.89 28.30
CA GLN A 378 3.50 5.88 29.32
C GLN A 378 2.00 5.76 29.60
N VAL A 379 1.51 4.52 29.58
CA VAL A 379 0.10 4.23 29.86
C VAL A 379 -0.19 4.52 31.33
N LEU A 380 -1.29 5.24 31.58
CA LEU A 380 -1.66 5.63 32.93
C LEU A 380 -2.87 4.85 33.45
N ARG A 381 -2.79 4.42 34.71
CA ARG A 381 -3.95 3.86 35.41
C ARG A 381 -4.41 4.85 36.48
N HIS A 382 -5.72 4.95 36.66
CA HIS A 382 -6.28 5.91 37.61
C HIS A 382 -6.57 5.26 38.96
N VAL A 383 -5.64 5.42 39.89
CA VAL A 383 -5.74 4.83 41.22
C VAL A 383 -5.70 5.89 42.31
N ASN A 384 -6.67 5.82 43.23
CA ASN A 384 -6.80 6.75 44.36
C ASN A 384 -7.19 8.17 43.93
N GLY A 385 -7.77 8.28 42.74
CA GLY A 385 -8.13 9.58 42.16
C GLY A 385 -6.91 10.33 41.63
N GLN A 386 -5.77 9.63 41.57
CA GLN A 386 -4.52 10.19 41.09
C GLN A 386 -3.97 9.35 39.95
N ASP A 387 -3.04 9.91 39.19
CA ASP A 387 -2.48 9.22 38.03
C ASP A 387 -1.25 8.41 38.39
N GLN A 388 -1.14 7.24 37.76
CA GLN A 388 -0.06 6.30 38.04
C GLN A 388 0.42 5.63 36.75
N VAL A 389 1.75 5.49 36.63
CA VAL A 389 2.33 4.89 35.44
C VAL A 389 2.30 3.36 35.52
N VAL A 390 1.67 2.75 34.51
CA VAL A 390 1.69 1.30 34.34
C VAL A 390 3.10 0.86 33.88
N PRO A 391 3.76 0.01 34.68
CA PRO A 391 5.14 -0.41 34.39
C PRO A 391 5.28 -1.26 33.13
N GLY A 392 6.16 -0.82 32.23
CA GLY A 392 6.50 -1.56 31.02
C GLY A 392 5.45 -1.56 29.92
N LEU A 393 4.54 -0.58 29.95
CA LEU A 393 3.47 -0.48 28.96
C LEU A 393 3.37 0.92 28.38
N TYR A 394 3.33 0.99 27.05
CA TYR A 394 3.32 2.26 26.33
C TYR A 394 2.22 2.31 25.27
N ALA A 395 1.87 3.51 24.84
CA ALA A 395 0.89 3.72 23.78
C ALA A 395 1.14 5.01 23.00
N CYS A 396 1.14 4.92 21.68
CA CYS A 396 1.29 6.08 20.81
C CYS A 396 0.41 5.95 19.57
N GLY A 397 0.15 7.08 18.92
CA GLY A 397 -0.71 7.12 17.74
C GLY A 397 -2.19 7.30 18.06
N GLU A 398 -3.03 6.75 17.20
CA GLU A 398 -4.48 6.91 17.31
C GLU A 398 -5.05 6.04 18.43
N ALA A 399 -4.41 4.90 18.65
CA ALA A 399 -4.79 3.98 19.74
C ALA A 399 -4.64 4.65 21.10
N ALA A 400 -3.65 5.53 21.21
CA ALA A 400 -3.35 6.24 22.44
C ALA A 400 -4.28 7.43 22.65
N CYS A 401 -4.17 8.01 23.85
CA CYS A 401 -4.81 9.27 24.18
C CYS A 401 -3.95 10.00 25.20
N ALA A 402 -2.93 10.67 24.69
CA ALA A 402 -2.19 11.66 25.46
C ALA A 402 -3.05 12.93 25.49
N SER A 403 -4.19 12.84 24.78
CA SER A 403 -5.09 13.96 24.52
C SER A 403 -4.35 15.21 24.09
N VAL A 404 -3.61 15.06 23.00
CA VAL A 404 -3.06 16.17 22.24
C VAL A 404 -4.19 16.81 21.44
N HIS A 405 -5.21 16.00 21.16
CA HIS A 405 -6.36 16.40 20.37
C HIS A 405 -7.59 16.71 21.23
N GLY A 406 -7.67 16.06 22.40
CA GLY A 406 -8.74 16.31 23.36
C GLY A 406 -10.15 16.02 22.87
N ALA A 407 -10.95 17.09 22.77
CA ALA A 407 -12.36 16.99 22.38
C ALA A 407 -12.56 17.14 20.87
N ASN A 408 -11.53 17.62 20.17
CA ASN A 408 -11.54 17.72 18.71
C ASN A 408 -10.14 17.84 18.12
N ARG A 409 -9.79 16.89 17.26
CA ARG A 409 -8.49 16.86 16.59
C ARG A 409 -8.38 17.96 15.54
N LEU A 410 -7.25 18.67 15.55
CA LEU A 410 -6.95 19.65 14.52
C LEU A 410 -6.43 18.93 13.28
N GLY A 411 -6.87 19.39 12.12
CA GLY A 411 -6.51 18.76 10.84
C GLY A 411 -5.02 18.70 10.55
N ALA A 412 -4.56 17.52 10.13
CA ALA A 412 -3.15 17.27 9.78
C ALA A 412 -2.22 17.18 11.00
N ASN A 413 -2.79 16.91 12.17
CA ASN A 413 -2.02 16.75 13.40
C ASN A 413 -1.84 15.29 13.83
N SER A 414 -2.54 14.37 13.18
CA SER A 414 -2.46 12.96 13.55
C SER A 414 -1.15 12.31 13.06
N LEU A 415 -0.78 12.57 11.81
CA LEU A 415 0.49 12.06 11.28
C LEU A 415 1.67 12.58 12.12
N LEU A 416 1.52 13.80 12.63
CA LEU A 416 2.49 14.40 13.54
C LEU A 416 2.54 13.63 14.86
N ASP A 417 1.36 13.36 15.43
CA ASP A 417 1.21 12.55 16.65
C ASP A 417 1.93 11.21 16.51
N LEU A 418 1.73 10.57 15.36
CA LEU A 418 2.35 9.30 15.04
C LEU A 418 3.87 9.35 15.22
N VAL A 419 4.51 10.32 14.57
CA VAL A 419 5.96 10.45 14.55
C VAL A 419 6.49 10.89 15.91
N VAL A 420 5.95 11.99 16.44
CA VAL A 420 6.43 12.59 17.69
C VAL A 420 6.40 11.62 18.88
N PHE A 421 5.24 10.99 19.12
CA PHE A 421 5.07 10.12 20.28
C PHE A 421 5.56 8.70 20.05
N GLY A 422 5.60 8.28 18.80
CA GLY A 422 6.26 7.05 18.41
C GLY A 422 7.72 7.14 18.80
N ARG A 423 8.33 8.29 18.49
CA ARG A 423 9.70 8.61 18.87
C ARG A 423 9.84 8.74 20.38
N ALA A 424 8.85 9.39 21.01
CA ALA A 424 8.84 9.58 22.46
C ALA A 424 8.79 8.24 23.22
N CYS A 425 7.95 7.32 22.74
CA CYS A 425 7.89 5.97 23.31
C CYS A 425 9.26 5.30 23.28
N ALA A 426 9.97 5.49 22.17
CA ALA A 426 11.32 4.95 22.00
C ALA A 426 12.30 5.59 22.98
N LEU A 427 12.20 6.90 23.14
CA LEU A 427 13.10 7.65 24.03
C LEU A 427 12.81 7.42 25.51
N SER A 428 11.54 7.20 25.84
CA SER A 428 11.12 6.88 27.20
C SER A 428 11.75 5.60 27.69
N ILE A 429 11.80 4.60 26.82
CA ILE A 429 12.45 3.32 27.10
C ILE A 429 13.97 3.48 27.10
N ALA A 430 14.49 4.19 26.09
CA ALA A 430 15.93 4.41 25.93
C ALA A 430 16.59 5.00 27.18
N GLU A 431 16.07 6.12 27.66
CA GLU A 431 16.61 6.76 28.86
C GLU A 431 15.88 6.31 30.13
N SER A 432 15.46 5.05 30.15
CA SER A 432 14.85 4.43 31.32
C SER A 432 15.65 3.22 31.76
N CYS A 433 15.84 2.27 30.85
CA CYS A 433 16.67 1.09 31.09
C CYS A 433 17.61 0.82 29.92
N ARG A 434 18.51 -0.15 30.09
CA ARG A 434 19.49 -0.50 29.06
C ARG A 434 19.20 -1.86 28.42
N PRO A 435 19.46 -2.00 27.10
CA PRO A 435 19.22 -3.27 26.42
C PRO A 435 20.07 -4.39 27.02
N GLY A 436 19.44 -5.50 27.37
CA GLY A 436 20.11 -6.60 28.04
C GLY A 436 19.76 -6.70 29.51
N ASP A 437 18.92 -5.78 29.99
CA ASP A 437 18.38 -5.85 31.34
C ASP A 437 17.39 -7.00 31.45
N LYS A 438 17.38 -7.63 32.63
CA LYS A 438 16.52 -8.78 32.92
C LYS A 438 15.10 -8.64 32.33
N VAL A 439 14.76 -9.56 31.43
CA VAL A 439 13.40 -9.63 30.89
C VAL A 439 12.55 -10.46 31.86
N PRO A 440 11.57 -9.81 32.52
CA PRO A 440 10.82 -10.43 33.62
C PRO A 440 10.17 -11.75 33.23
N SER A 441 10.25 -12.73 34.13
CA SER A 441 9.76 -14.09 33.85
C SER A 441 8.24 -14.19 33.88
N ILE A 442 7.70 -14.92 32.90
CA ILE A 442 6.25 -15.12 32.78
C ILE A 442 5.85 -16.47 33.38
N LYS A 443 4.61 -16.56 33.85
CA LYS A 443 4.07 -17.81 34.39
C LYS A 443 3.90 -18.85 33.28
N PRO A 444 4.03 -20.15 33.63
CA PRO A 444 3.88 -21.23 32.64
C PRO A 444 2.49 -21.35 32.04
N ASN A 445 1.49 -20.75 32.71
CA ASN A 445 0.12 -20.78 32.25
C ASN A 445 -0.35 -19.48 31.61
N ALA A 446 0.32 -18.37 31.96
CA ALA A 446 -0.08 -17.02 31.57
C ALA A 446 -0.57 -16.88 30.12
N GLY A 447 -1.83 -16.50 29.98
CA GLY A 447 -2.45 -16.32 28.66
C GLY A 447 -3.40 -17.44 28.29
N GLU A 448 -3.86 -18.19 29.30
CA GLU A 448 -4.85 -19.24 29.09
C GLU A 448 -6.11 -18.67 28.46
N GLU A 449 -6.59 -17.56 29.04
CA GLU A 449 -7.86 -16.94 28.68
C GLU A 449 -7.96 -16.58 27.20
N SER A 450 -6.85 -16.12 26.63
CA SER A 450 -6.80 -15.73 25.22
C SER A 450 -6.95 -16.94 24.30
N VAL A 451 -6.22 -18.01 24.61
CA VAL A 451 -6.30 -19.27 23.86
C VAL A 451 -7.65 -19.95 24.10
N MET A 452 -8.14 -19.91 25.34
CA MET A 452 -9.48 -20.37 25.69
C MET A 452 -10.55 -19.68 24.83
N ASN A 453 -10.37 -18.36 24.66
CA ASN A 453 -11.24 -17.56 23.81
C ASN A 453 -11.04 -17.91 22.34
N LEU A 454 -9.78 -18.09 21.95
CA LEU A 454 -9.40 -18.45 20.58
C LEU A 454 -10.04 -19.79 20.18
N ASP A 455 -10.03 -20.74 21.10
CA ASP A 455 -10.52 -22.10 20.85
C ASP A 455 -12.03 -22.18 20.66
N LYS A 456 -12.78 -21.47 21.52
CA LYS A 456 -14.23 -21.56 21.49
C LYS A 456 -14.84 -20.73 20.35
N LEU A 457 -14.15 -19.66 19.95
CA LEU A 457 -14.56 -18.84 18.81
C LEU A 457 -14.25 -19.49 17.47
N ARG A 458 -13.30 -20.42 17.48
CA ARG A 458 -12.93 -21.20 16.30
C ARG A 458 -14.02 -22.24 16.00
N PHE A 459 -14.59 -22.82 17.05
CA PHE A 459 -15.61 -23.87 16.95
C PHE A 459 -17.01 -23.37 17.34
N ALA A 460 -17.22 -22.06 17.31
CA ALA A 460 -18.47 -21.44 17.75
C ALA A 460 -19.67 -21.83 16.89
N ASN A 461 -20.40 -22.85 17.34
CA ASN A 461 -21.63 -23.29 16.70
C ASN A 461 -22.83 -22.64 17.39
N GLY A 462 -23.07 -21.37 17.08
CA GLY A 462 -24.14 -20.59 17.73
C GLY A 462 -25.39 -20.43 16.89
N THR A 463 -25.96 -19.22 16.92
CA THR A 463 -27.19 -18.92 16.19
C THR A 463 -27.16 -17.58 15.45
N ILE A 464 -26.25 -16.68 15.85
CA ILE A 464 -26.10 -15.37 15.22
C ILE A 464 -24.76 -15.26 14.49
N ARG A 465 -24.82 -15.20 13.16
CA ARG A 465 -23.63 -15.06 12.31
C ARG A 465 -22.89 -13.75 12.63
N THR A 466 -21.56 -13.80 12.57
CA THR A 466 -20.71 -12.64 12.86
C THR A 466 -21.12 -11.41 12.08
N SER A 467 -21.34 -11.58 10.78
CA SER A 467 -21.72 -10.51 9.87
C SER A 467 -22.93 -9.72 10.37
N GLU A 468 -23.95 -10.44 10.84
CA GLU A 468 -25.21 -9.85 11.28
C GLU A 468 -25.08 -9.08 12.60
N LEU A 469 -24.21 -9.56 13.49
CA LEU A 469 -24.00 -8.91 14.78
C LEU A 469 -23.15 -7.65 14.62
N ARG A 470 -22.19 -7.71 13.69
CA ARG A 470 -21.35 -6.57 13.34
C ARG A 470 -22.20 -5.45 12.76
N LEU A 471 -23.10 -5.82 11.84
CA LEU A 471 -24.01 -4.87 11.19
C LEU A 471 -25.02 -4.29 12.20
N SER A 472 -25.49 -5.12 13.12
CA SER A 472 -26.42 -4.68 14.16
C SER A 472 -25.77 -3.63 15.06
N MET A 473 -24.49 -3.84 15.37
CA MET A 473 -23.69 -2.90 16.17
C MET A 473 -23.44 -1.60 15.40
N GLN A 474 -22.98 -1.74 14.16
CA GLN A 474 -22.66 -0.61 13.29
C GLN A 474 -23.85 0.31 13.03
N LYS A 475 -25.00 -0.27 12.71
CA LYS A 475 -26.23 0.49 12.45
C LYS A 475 -26.74 1.14 13.73
N SER A 476 -26.64 0.42 14.85
CA SER A 476 -27.04 0.95 16.15
C SER A 476 -26.15 2.10 16.61
N MET A 477 -24.87 2.02 16.26
CA MET A 477 -23.94 3.10 16.56
C MET A 477 -24.16 4.32 15.67
N GLN A 478 -24.53 4.07 14.41
CA GLN A 478 -24.78 5.14 13.44
C GLN A 478 -26.08 5.90 13.75
N SER A 479 -27.05 5.19 14.32
CA SER A 479 -28.36 5.76 14.63
C SER A 479 -28.43 6.48 15.98
N HIS A 480 -27.64 6.00 16.95
CA HIS A 480 -27.75 6.47 18.33
C HIS A 480 -26.67 7.45 18.79
N ALA A 481 -25.50 7.38 18.16
CA ALA A 481 -24.38 8.25 18.50
C ALA A 481 -23.80 8.92 17.27
N ALA A 482 -24.64 9.66 16.55
CA ALA A 482 -24.23 10.41 15.36
C ALA A 482 -23.61 11.75 15.73
N VAL A 483 -23.61 12.69 14.79
CA VAL A 483 -23.07 14.04 15.01
C VAL A 483 -23.79 14.70 16.18
N PHE A 484 -25.11 14.89 16.05
CA PHE A 484 -25.95 15.34 17.14
C PHE A 484 -26.45 14.13 17.92
N ARG A 485 -26.43 14.24 19.25
CA ARG A 485 -26.93 13.17 20.13
C ARG A 485 -27.66 13.70 21.35
N VAL A 486 -28.76 13.03 21.70
CA VAL A 486 -29.57 13.40 22.86
C VAL A 486 -29.68 12.26 23.88
N GLY A 487 -29.90 12.62 25.14
CA GLY A 487 -29.99 11.66 26.24
C GLY A 487 -31.04 10.58 26.07
N SER A 488 -32.11 10.90 25.35
CA SER A 488 -33.19 9.96 25.08
C SER A 488 -32.74 8.85 24.13
N VAL A 489 -32.11 9.25 23.03
CA VAL A 489 -31.66 8.31 22.00
C VAL A 489 -30.42 7.52 22.47
N LEU A 490 -29.49 8.22 23.12
CA LEU A 490 -28.27 7.59 23.65
C LEU A 490 -28.57 6.49 24.66
N GLN A 491 -29.59 6.69 25.50
CA GLN A 491 -30.02 5.71 26.49
C GLN A 491 -30.54 4.42 25.85
N GLU A 492 -31.35 4.55 24.80
CA GLU A 492 -31.86 3.40 24.05
C GLU A 492 -30.71 2.71 23.33
N GLY A 493 -29.72 3.49 22.91
CA GLY A 493 -28.51 2.96 22.29
C GLY A 493 -27.71 2.12 23.27
N CYS A 494 -27.52 2.66 24.49
CA CYS A 494 -26.79 1.97 25.55
C CYS A 494 -27.39 0.61 25.86
N GLU A 495 -28.72 0.56 26.00
CA GLU A 495 -29.45 -0.68 26.22
C GLU A 495 -29.34 -1.61 25.02
N LYS A 496 -29.24 -1.03 23.83
CA LYS A 496 -29.16 -1.79 22.58
C LYS A 496 -27.78 -2.42 22.40
N ILE A 497 -26.73 -1.68 22.74
CA ILE A 497 -25.35 -2.18 22.64
C ILE A 497 -25.05 -3.23 23.71
N LEU A 498 -25.53 -2.99 24.93
CA LEU A 498 -25.39 -3.94 26.04
C LEU A 498 -26.12 -5.26 25.77
N ARG A 499 -27.24 -5.18 25.04
CA ARG A 499 -27.97 -6.36 24.60
C ARG A 499 -27.11 -7.19 23.63
N LEU A 500 -26.49 -6.50 22.68
CA LEU A 500 -25.69 -7.14 21.63
C LEU A 500 -24.39 -7.73 22.15
N TYR A 501 -23.94 -7.26 23.31
CA TYR A 501 -22.76 -7.82 23.98
C TYR A 501 -23.08 -9.19 24.57
N GLY A 502 -24.33 -9.40 24.96
CA GLY A 502 -24.79 -10.68 25.48
C GLY A 502 -24.96 -11.73 24.40
N ASP A 503 -24.76 -11.32 23.15
CA ASP A 503 -24.89 -12.21 22.00
C ASP A 503 -23.56 -12.82 21.58
N LEU A 504 -22.50 -12.53 22.32
CA LEU A 504 -21.15 -12.97 21.98
C LEU A 504 -20.91 -14.48 22.16
N GLN A 505 -21.77 -15.14 22.94
CA GLN A 505 -21.75 -16.61 23.02
C GLN A 505 -22.79 -17.22 22.08
N HIS A 506 -23.70 -16.37 21.59
CA HIS A 506 -24.73 -16.80 20.65
C HIS A 506 -24.25 -16.80 19.19
N LEU A 507 -23.00 -16.39 18.96
CA LEU A 507 -22.50 -16.23 17.59
C LEU A 507 -22.09 -17.53 16.90
N LYS A 508 -22.39 -17.61 15.60
CA LYS A 508 -22.05 -18.76 14.77
C LYS A 508 -20.88 -18.42 13.83
N THR A 509 -19.86 -19.28 13.87
CA THR A 509 -18.72 -19.18 12.97
C THR A 509 -18.67 -20.45 12.10
N PHE A 510 -18.08 -20.34 10.91
CA PHE A 510 -18.08 -21.45 9.95
C PHE A 510 -16.70 -22.05 9.72
N ASP A 511 -15.73 -21.23 9.35
CA ASP A 511 -14.36 -21.67 9.10
C ASP A 511 -13.76 -22.27 10.38
N ARG A 512 -13.20 -23.48 10.24
CA ARG A 512 -12.65 -24.23 11.38
C ARG A 512 -11.19 -24.64 11.19
N GLY A 513 -10.53 -24.05 10.19
CA GLY A 513 -9.12 -24.35 9.92
C GLY A 513 -8.16 -23.59 10.80
N MET A 514 -6.87 -23.92 10.68
CA MET A 514 -5.80 -23.24 11.40
C MET A 514 -5.22 -22.12 10.56
N VAL A 515 -4.82 -22.47 9.34
CA VAL A 515 -4.19 -21.54 8.41
C VAL A 515 -5.20 -20.52 7.88
N TRP A 516 -4.88 -19.25 8.07
CA TRP A 516 -5.66 -18.12 7.55
C TRP A 516 -7.17 -18.26 7.76
N ASN A 517 -7.57 -18.28 9.02
CA ASN A 517 -8.99 -18.29 9.36
C ASN A 517 -9.49 -16.87 9.55
N THR A 518 -9.79 -16.20 8.45
CA THR A 518 -10.31 -14.82 8.48
C THR A 518 -11.66 -14.72 9.19
N ASP A 519 -12.47 -15.77 9.08
CA ASP A 519 -13.76 -15.84 9.77
C ASP A 519 -13.56 -15.70 11.27
N LEU A 520 -12.51 -16.34 11.80
CA LEU A 520 -12.18 -16.30 13.22
C LEU A 520 -11.68 -14.92 13.67
N VAL A 521 -10.76 -14.33 12.90
CA VAL A 521 -10.16 -13.04 13.30
C VAL A 521 -11.12 -11.86 13.16
N GLU A 522 -12.05 -11.95 12.21
CA GLU A 522 -13.08 -10.92 12.08
C GLU A 522 -14.05 -10.98 13.25
N THR A 523 -14.25 -12.18 13.79
CA THR A 523 -15.04 -12.39 15.01
C THR A 523 -14.26 -11.90 16.23
N LEU A 524 -12.94 -12.16 16.22
CA LEU A 524 -12.05 -11.63 17.24
C LEU A 524 -12.07 -10.11 17.22
N GLU A 525 -12.08 -9.55 16.00
CA GLU A 525 -12.23 -8.11 15.81
C GLU A 525 -13.56 -7.62 16.38
N LEU A 526 -14.62 -8.41 16.21
CA LEU A 526 -15.94 -8.06 16.72
C LEU A 526 -15.99 -7.94 18.24
N GLN A 527 -15.30 -8.84 18.95
CA GLN A 527 -15.14 -8.76 20.40
C GLN A 527 -14.49 -7.43 20.80
N ASN A 528 -13.41 -7.09 20.10
CA ASN A 528 -12.67 -5.85 20.33
C ASN A 528 -13.50 -4.62 19.99
N LEU A 529 -14.21 -4.69 18.86
CA LEU A 529 -15.08 -3.60 18.40
C LEU A 529 -16.20 -3.31 19.39
N MET A 530 -16.79 -4.37 19.94
CA MET A 530 -17.85 -4.26 20.92
C MET A 530 -17.41 -3.51 22.17
N LEU A 531 -16.28 -3.95 22.74
CA LEU A 531 -15.72 -3.33 23.94
C LEU A 531 -15.45 -1.84 23.75
N CYS A 532 -14.99 -1.48 22.55
CA CYS A 532 -14.75 -0.08 22.20
C CYS A 532 -16.05 0.71 22.01
N ALA A 533 -17.01 0.09 21.34
CA ALA A 533 -18.32 0.70 21.12
C ALA A 533 -19.05 0.92 22.44
N LEU A 534 -19.05 -0.12 23.27
CA LEU A 534 -19.75 -0.13 24.56
C LEU A 534 -19.29 1.01 25.47
N GLN A 535 -17.99 1.29 25.45
CA GLN A 535 -17.42 2.37 26.24
C GLN A 535 -17.69 3.75 25.63
N THR A 536 -17.77 3.80 24.29
CA THR A 536 -18.03 5.05 23.57
C THR A 536 -19.45 5.55 23.83
N ILE A 537 -20.41 4.63 23.85
CA ILE A 537 -21.83 4.97 23.98
C ILE A 537 -22.24 5.36 25.41
N TYR A 538 -21.72 4.64 26.40
CA TYR A 538 -22.04 4.88 27.80
C TYR A 538 -21.49 6.20 28.34
N GLY A 539 -20.25 6.51 27.94
CA GLY A 539 -19.59 7.77 28.31
C GLY A 539 -20.26 8.97 27.67
N ALA A 540 -20.82 8.75 26.48
CA ALA A 540 -21.54 9.79 25.74
C ALA A 540 -22.84 10.19 26.42
N GLU A 541 -23.56 9.21 26.98
CA GLU A 541 -24.80 9.46 27.69
C GLU A 541 -24.51 10.09 29.05
N ALA A 542 -23.35 9.72 29.63
CA ALA A 542 -22.94 10.22 30.93
C ALA A 542 -22.52 11.69 30.87
N ARG A 543 -21.78 12.05 29.82
CA ARG A 543 -21.32 13.43 29.61
C ARG A 543 -22.48 14.34 29.20
N LYS A 544 -22.71 15.37 30.01
CA LYS A 544 -23.86 16.26 29.85
C LYS A 544 -23.43 17.68 29.46
N GLU A 545 -22.79 17.80 28.29
CA GLU A 545 -22.35 19.10 27.76
C GLU A 545 -22.16 19.05 26.24
N SER A 546 -21.80 20.19 25.66
CA SER A 546 -21.51 20.28 24.23
C SER A 546 -20.07 20.72 23.96
N ARG A 547 -19.12 19.87 24.36
CA ARG A 547 -17.70 20.13 24.20
C ARG A 547 -17.14 19.43 22.97
N GLY A 548 -16.49 20.19 22.10
CA GLY A 548 -15.86 19.64 20.90
C GLY A 548 -16.82 18.92 19.98
N ALA A 549 -16.45 17.68 19.62
CA ALA A 549 -17.26 16.86 18.72
C ALA A 549 -18.46 16.21 19.40
N HIS A 550 -18.42 16.15 20.73
CA HIS A 550 -19.56 15.67 21.52
C HIS A 550 -20.54 16.83 21.70
N ALA A 551 -21.72 16.71 21.08
CA ALA A 551 -22.71 17.78 21.11
C ALA A 551 -24.08 17.30 21.60
N ARG A 552 -24.36 17.58 22.87
CA ARG A 552 -25.66 17.28 23.45
C ARG A 552 -26.64 18.43 23.18
N GLU A 553 -27.82 18.09 22.68
CA GLU A 553 -28.85 19.09 22.42
C GLU A 553 -29.65 19.40 23.69
N ASP A 554 -29.59 18.49 24.66
CA ASP A 554 -30.17 18.70 25.99
C ASP A 554 -29.33 19.70 26.75
N PHE A 555 -28.02 19.61 26.58
CA PHE A 555 -27.07 20.46 27.26
C PHE A 555 -26.19 21.16 26.23
N LYS A 556 -26.74 22.23 25.65
CA LYS A 556 -26.11 22.96 24.56
C LYS A 556 -24.87 23.77 24.97
N GLU A 557 -24.69 23.97 26.27
CA GLU A 557 -23.60 24.80 26.79
C GLU A 557 -22.30 24.00 27.04
N ARG A 558 -21.19 24.73 27.13
CA ARG A 558 -19.88 24.17 27.39
C ARG A 558 -19.57 24.36 28.88
N VAL A 559 -19.59 23.28 29.64
CA VAL A 559 -19.50 23.33 31.11
C VAL A 559 -18.07 23.23 31.64
N ASP A 560 -17.50 24.38 32.01
CA ASP A 560 -16.15 24.46 32.56
C ASP A 560 -16.22 24.67 34.08
N GLU A 561 -15.06 24.73 34.72
CA GLU A 561 -14.96 25.02 36.16
C GLU A 561 -15.46 26.42 36.44
N TYR A 562 -15.16 27.34 35.53
CA TYR A 562 -15.66 28.71 35.58
C TYR A 562 -16.57 29.01 34.38
N ASP A 563 -17.33 30.09 34.47
CA ASP A 563 -18.04 30.63 33.32
C ASP A 563 -17.07 31.59 32.63
N TYR A 564 -16.41 31.09 31.59
CA TYR A 564 -15.30 31.79 30.96
C TYR A 564 -15.69 32.90 29.97
N SER A 565 -16.98 33.03 29.70
CA SER A 565 -17.48 34.11 28.84
C SER A 565 -17.42 35.45 29.58
N LYS A 566 -17.93 35.47 30.80
CA LYS A 566 -17.82 36.64 31.68
C LYS A 566 -16.44 36.68 32.37
N PRO A 567 -16.01 37.86 32.86
CA PRO A 567 -14.69 38.03 33.48
C PRO A 567 -14.39 37.03 34.60
N ILE A 568 -13.11 36.64 34.71
CA ILE A 568 -12.65 35.69 35.71
C ILE A 568 -12.45 36.34 37.08
N GLN A 569 -12.28 35.51 38.12
CA GLN A 569 -11.91 35.94 39.48
C GLN A 569 -13.01 36.62 40.30
N GLY A 570 -14.09 37.03 39.64
CA GLY A 570 -15.28 37.49 40.33
C GLY A 570 -16.23 36.34 40.57
N GLN A 571 -15.68 35.12 40.61
CA GLN A 571 -16.46 33.89 40.66
C GLN A 571 -15.93 32.88 41.68
N GLN A 572 -16.82 32.02 42.16
CA GLN A 572 -16.46 30.88 42.99
C GLN A 572 -16.27 29.64 42.12
N LYS A 573 -15.10 29.01 42.25
CA LYS A 573 -14.71 27.86 41.43
C LYS A 573 -15.58 26.63 41.74
N LYS A 574 -16.13 26.03 40.69
CA LYS A 574 -16.88 24.77 40.81
C LYS A 574 -15.94 23.63 41.19
N PRO A 575 -16.38 22.74 42.09
CA PRO A 575 -15.59 21.57 42.44
C PRO A 575 -15.45 20.61 41.25
N PHE A 576 -14.48 19.69 41.34
CA PHE A 576 -14.24 18.69 40.30
C PHE A 576 -15.45 17.78 40.07
N GLN A 577 -16.35 17.74 41.04
CA GLN A 577 -17.54 16.87 40.99
C GLN A 577 -18.64 17.43 40.08
N GLU A 578 -18.64 18.74 39.87
CA GLU A 578 -19.77 19.42 39.22
C GLU A 578 -19.55 19.81 37.75
N HIS A 579 -18.34 20.23 37.40
CA HIS A 579 -18.06 20.64 36.02
C HIS A 579 -17.66 19.46 35.11
N TRP A 580 -17.52 19.72 33.82
CA TRP A 580 -17.27 18.66 32.84
C TRP A 580 -15.95 18.78 32.08
N ARG A 581 -15.11 19.74 32.46
CA ARG A 581 -13.79 19.88 31.86
C ARG A 581 -12.84 18.83 32.47
N LYS A 582 -13.02 17.59 32.01
CA LYS A 582 -12.37 16.43 32.60
C LYS A 582 -12.31 15.27 31.61
N HIS A 583 -11.33 14.39 31.81
CA HIS A 583 -11.18 13.19 30.99
C HIS A 583 -12.07 12.06 31.47
N THR A 584 -12.72 11.38 30.53
CA THR A 584 -13.58 10.23 30.84
C THR A 584 -12.77 8.94 30.82
N LEU A 585 -12.64 8.31 31.98
CA LEU A 585 -11.98 7.02 32.11
C LEU A 585 -13.03 5.93 32.19
N SER A 586 -13.06 5.06 31.18
CA SER A 586 -14.08 4.02 31.11
C SER A 586 -13.50 2.63 31.33
N TYR A 587 -14.18 1.85 32.17
CA TYR A 587 -13.84 0.45 32.41
C TYR A 587 -14.99 -0.42 31.94
N VAL A 588 -14.69 -1.70 31.67
CA VAL A 588 -15.74 -2.69 31.41
C VAL A 588 -15.42 -4.05 32.01
N ASP A 589 -16.32 -4.54 32.86
CA ASP A 589 -16.27 -5.89 33.37
C ASP A 589 -16.60 -6.83 32.21
N VAL A 590 -15.57 -7.48 31.69
CA VAL A 590 -15.68 -8.29 30.46
C VAL A 590 -16.82 -9.33 30.52
N LYS A 591 -17.09 -9.86 31.70
CA LYS A 591 -18.11 -10.91 31.87
C LYS A 591 -19.53 -10.43 31.55
N THR A 592 -19.93 -9.30 32.13
CA THR A 592 -21.30 -8.82 32.01
C THR A 592 -21.46 -7.61 31.09
N GLY A 593 -20.34 -7.00 30.72
CA GLY A 593 -20.36 -5.83 29.84
C GLY A 593 -20.77 -4.54 30.55
N LYS A 594 -20.66 -4.53 31.86
CA LYS A 594 -20.98 -3.35 32.66
C LYS A 594 -19.93 -2.27 32.43
N VAL A 595 -20.39 -1.05 32.13
CA VAL A 595 -19.49 0.08 31.97
C VAL A 595 -19.49 0.92 33.24
N SER A 596 -18.46 0.72 34.07
CA SER A 596 -18.22 1.59 35.21
C SER A 596 -17.19 2.63 34.81
N LEU A 597 -17.52 3.91 35.03
CA LEU A 597 -16.67 5.01 34.56
C LEU A 597 -16.42 6.10 35.58
N GLU A 598 -15.19 6.63 35.56
CA GLU A 598 -14.75 7.70 36.44
C GLU A 598 -13.96 8.74 35.64
N TYR A 599 -13.44 9.78 36.31
CA TYR A 599 -12.89 10.95 35.61
C TYR A 599 -11.59 11.48 36.21
N ARG A 600 -10.74 12.03 35.35
CA ARG A 600 -9.51 12.70 35.79
C ARG A 600 -9.33 14.07 35.11
N PRO A 601 -8.69 15.03 35.80
CA PRO A 601 -8.65 16.39 35.29
C PRO A 601 -7.66 16.56 34.14
N VAL A 602 -7.93 17.52 33.26
CA VAL A 602 -7.03 17.82 32.15
C VAL A 602 -5.78 18.52 32.67
N ILE A 603 -4.67 18.39 31.95
CA ILE A 603 -3.43 19.07 32.31
C ILE A 603 -3.39 20.43 31.61
N ASP A 604 -3.17 21.48 32.40
CA ASP A 604 -3.09 22.84 31.87
C ASP A 604 -1.65 23.35 31.81
N LYS A 605 -0.86 23.01 32.83
CA LYS A 605 0.55 23.37 32.87
C LYS A 605 1.32 22.81 31.68
N THR A 606 2.10 23.66 31.03
CA THR A 606 2.96 23.25 29.92
C THR A 606 4.28 22.72 30.47
N LEU A 607 5.21 22.39 29.60
CA LEU A 607 6.51 21.85 30.02
C LEU A 607 7.46 22.92 30.56
N ASN A 608 7.23 24.19 30.17
CA ASN A 608 7.98 25.33 30.67
C ASN A 608 7.24 26.64 30.40
N GLU A 609 6.55 27.14 31.42
CA GLU A 609 5.74 28.35 31.33
C GLU A 609 6.45 29.52 30.63
N ALA A 610 7.73 29.70 30.95
CA ALA A 610 8.54 30.78 30.39
C ALA A 610 8.77 30.65 28.88
N ASP A 611 8.73 29.41 28.38
CA ASP A 611 8.94 29.13 26.96
C ASP A 611 7.62 29.05 26.19
N CYS A 612 6.57 28.58 26.87
CA CYS A 612 5.26 28.37 26.26
C CYS A 612 4.15 28.62 27.28
N ALA A 613 3.54 29.80 27.20
CA ALA A 613 2.50 30.22 28.14
C ALA A 613 1.26 29.35 28.04
N THR A 614 0.68 29.03 29.20
CA THR A 614 -0.58 28.28 29.29
C THR A 614 -1.72 29.12 28.71
N VAL A 615 -2.53 28.51 27.86
CA VAL A 615 -3.70 29.18 27.28
C VAL A 615 -4.98 28.74 28.01
N PRO A 616 -5.54 29.63 28.85
CA PRO A 616 -6.73 29.32 29.63
C PRO A 616 -7.98 29.26 28.75
N PRO A 617 -9.04 28.57 29.23
CA PRO A 617 -10.30 28.46 28.47
C PRO A 617 -10.88 29.81 28.07
N ALA A 618 -11.48 29.86 26.88
CA ALA A 618 -12.15 31.05 26.37
C ALA A 618 -13.37 30.65 25.55
N ILE A 619 -14.08 31.64 25.02
CA ILE A 619 -15.17 31.38 24.07
C ILE A 619 -14.59 30.87 22.74
N ARG A 620 -15.17 29.78 22.22
CA ARG A 620 -14.64 29.12 21.04
C ARG A 620 -15.66 29.01 19.91
N SER A 621 -15.42 29.78 18.84
CA SER A 621 -16.17 29.70 17.60
C SER A 621 -15.35 30.34 16.49
N TYR A 622 -15.16 29.59 15.40
CA TYR A 622 -14.37 30.06 14.27
C TYR A 622 -15.22 30.81 13.25
N PRO B 9 -34.31 -7.49 -9.81
CA PRO B 9 -33.60 -8.65 -9.26
C PRO B 9 -32.55 -9.18 -10.24
N ARG B 10 -31.40 -8.51 -10.29
CA ARG B 10 -30.31 -8.87 -11.21
C ARG B 10 -29.28 -9.77 -10.54
N ILE B 11 -29.06 -10.95 -11.12
CA ILE B 11 -28.12 -11.95 -10.58
C ILE B 11 -26.85 -12.02 -11.43
N LYS B 12 -25.70 -11.99 -10.75
CA LYS B 12 -24.39 -12.14 -11.41
C LYS B 12 -23.63 -13.31 -10.81
N LYS B 13 -23.03 -14.13 -11.66
CA LYS B 13 -22.31 -15.34 -11.23
C LYS B 13 -20.81 -15.08 -11.06
N PHE B 14 -20.25 -15.64 -9.98
CA PHE B 14 -18.83 -15.50 -9.69
C PHE B 14 -18.16 -16.87 -9.55
N ALA B 15 -17.15 -17.11 -10.39
CA ALA B 15 -16.36 -18.33 -10.34
C ALA B 15 -15.04 -18.06 -9.64
N ILE B 16 -14.91 -18.56 -8.41
CA ILE B 16 -13.76 -18.24 -7.57
C ILE B 16 -12.90 -19.48 -7.24
N TYR B 17 -11.59 -19.31 -7.36
CA TYR B 17 -10.59 -20.32 -7.02
C TYR B 17 -10.59 -20.57 -5.51
N ARG B 18 -10.61 -21.85 -5.13
CA ARG B 18 -10.66 -22.23 -3.72
C ARG B 18 -9.63 -23.31 -3.38
N TRP B 19 -9.04 -23.19 -2.19
CA TRP B 19 -8.19 -24.23 -1.63
C TRP B 19 -8.10 -24.12 -0.11
N ASP B 20 -8.24 -25.26 0.55
CA ASP B 20 -8.11 -25.34 2.00
C ASP B 20 -6.95 -26.26 2.36
N PRO B 21 -5.88 -25.70 2.97
CA PRO B 21 -4.71 -26.49 3.37
C PRO B 21 -4.99 -27.41 4.55
N ASP B 22 -6.12 -27.19 5.22
CA ASP B 22 -6.50 -27.97 6.39
C ASP B 22 -7.67 -28.91 6.09
N LYS B 23 -7.61 -29.61 4.96
CA LYS B 23 -8.71 -30.46 4.51
C LYS B 23 -8.25 -31.84 3.98
N THR B 24 -7.05 -32.26 4.39
CA THR B 24 -6.47 -33.57 4.04
C THR B 24 -6.46 -33.87 2.54
N GLY B 25 -5.41 -33.41 1.86
CA GLY B 25 -5.25 -33.60 0.42
C GLY B 25 -6.40 -33.03 -0.39
N ASP B 26 -6.73 -31.77 -0.12
CA ASP B 26 -7.78 -31.08 -0.86
C ASP B 26 -7.26 -30.57 -2.19
N LYS B 27 -8.01 -30.82 -3.25
CA LYS B 27 -7.63 -30.41 -4.60
C LYS B 27 -8.07 -28.96 -4.86
N PRO B 28 -7.23 -28.19 -5.59
CA PRO B 28 -7.59 -26.82 -5.95
C PRO B 28 -8.73 -26.80 -6.98
N HIS B 29 -9.83 -26.15 -6.63
CA HIS B 29 -11.05 -26.19 -7.44
C HIS B 29 -11.75 -24.83 -7.52
N MET B 30 -12.67 -24.71 -8.47
CA MET B 30 -13.47 -23.50 -8.63
C MET B 30 -14.81 -23.68 -7.93
N GLN B 31 -15.24 -22.64 -7.21
CA GLN B 31 -16.56 -22.63 -6.57
C GLN B 31 -17.36 -21.42 -7.04
N THR B 32 -18.64 -21.63 -7.31
CA THR B 32 -19.49 -20.59 -7.87
C THR B 32 -20.38 -19.95 -6.80
N TYR B 33 -20.51 -18.62 -6.87
CA TYR B 33 -21.41 -17.88 -5.99
C TYR B 33 -22.29 -16.95 -6.81
N GLU B 34 -23.58 -16.94 -6.52
CA GLU B 34 -24.54 -16.09 -7.23
C GLU B 34 -25.11 -15.00 -6.31
N ILE B 35 -25.05 -13.76 -6.80
CA ILE B 35 -25.30 -12.57 -5.98
C ILE B 35 -26.19 -11.54 -6.68
N ASP B 36 -27.16 -11.02 -5.93
CA ASP B 36 -28.02 -9.93 -6.40
C ASP B 36 -27.24 -8.62 -6.41
N LEU B 37 -27.15 -7.99 -7.58
CA LEU B 37 -26.33 -6.77 -7.74
C LEU B 37 -26.98 -5.51 -7.17
N ASN B 38 -28.29 -5.55 -6.97
CA ASN B 38 -29.02 -4.41 -6.39
C ASN B 38 -28.75 -4.23 -4.90
N ASN B 39 -28.45 -5.34 -4.22
CA ASN B 39 -28.11 -5.33 -2.80
C ASN B 39 -26.59 -5.41 -2.58
N CYS B 40 -25.83 -4.96 -3.59
CA CYS B 40 -24.38 -5.09 -3.58
C CYS B 40 -23.70 -3.83 -4.15
N GLY B 41 -22.51 -3.53 -3.65
CA GLY B 41 -21.71 -2.43 -4.14
C GLY B 41 -21.23 -2.65 -5.57
N PRO B 42 -20.65 -1.60 -6.20
CA PRO B 42 -20.24 -1.67 -7.59
C PRO B 42 -19.00 -2.54 -7.84
N MET B 43 -18.06 -2.54 -6.89
CA MET B 43 -16.75 -3.17 -7.08
C MET B 43 -16.75 -4.67 -6.74
N VAL B 44 -15.72 -5.38 -7.21
CA VAL B 44 -15.59 -6.82 -7.00
C VAL B 44 -15.40 -7.17 -5.52
N LEU B 45 -14.63 -6.35 -4.80
CA LEU B 45 -14.43 -6.57 -3.37
C LEU B 45 -15.75 -6.50 -2.61
N ASP B 46 -16.63 -5.58 -3.00
CA ASP B 46 -17.97 -5.48 -2.43
C ASP B 46 -18.73 -6.80 -2.58
N ALA B 47 -18.51 -7.47 -3.71
CA ALA B 47 -19.11 -8.78 -3.96
C ALA B 47 -18.45 -9.86 -3.10
N LEU B 48 -17.13 -9.88 -3.09
CA LEU B 48 -16.37 -10.85 -2.30
C LEU B 48 -16.73 -10.77 -0.81
N ILE B 49 -16.84 -9.54 -0.30
CA ILE B 49 -17.23 -9.28 1.09
C ILE B 49 -18.66 -9.77 1.35
N LYS B 50 -19.55 -9.52 0.39
CA LYS B 50 -20.96 -9.92 0.51
C LYS B 50 -21.13 -11.43 0.61
N ILE B 51 -20.41 -12.18 -0.23
CA ILE B 51 -20.48 -13.65 -0.21
C ILE B 51 -19.78 -14.21 1.03
N LYS B 52 -18.78 -13.49 1.53
CA LYS B 52 -18.09 -13.82 2.77
C LYS B 52 -19.07 -13.65 3.95
N ASN B 53 -19.83 -12.56 3.92
CA ASN B 53 -20.74 -12.20 5.00
C ASN B 53 -22.07 -12.95 4.99
N GLU B 54 -22.51 -13.38 3.81
CA GLU B 54 -23.86 -13.93 3.67
C GLU B 54 -23.89 -15.38 3.19
N ILE B 55 -23.08 -15.70 2.19
CA ILE B 55 -23.08 -17.03 1.60
C ILE B 55 -22.08 -17.95 2.31
N ASP B 56 -20.78 -17.75 2.06
CA ASP B 56 -19.73 -18.60 2.61
C ASP B 56 -18.62 -17.77 3.27
N SER B 57 -18.43 -18.00 4.57
CA SER B 57 -17.40 -17.29 5.33
C SER B 57 -16.07 -18.04 5.38
N THR B 58 -15.95 -19.09 4.56
CA THR B 58 -14.69 -19.83 4.43
C THR B 58 -13.83 -19.19 3.33
N LEU B 59 -14.43 -18.25 2.60
CA LEU B 59 -13.72 -17.50 1.57
C LEU B 59 -12.69 -16.57 2.21
N THR B 60 -11.42 -16.90 2.04
CA THR B 60 -10.33 -16.17 2.69
C THR B 60 -9.56 -15.31 1.69
N PHE B 61 -9.50 -14.02 1.97
CA PHE B 61 -8.80 -13.05 1.09
C PHE B 61 -8.25 -11.87 1.88
N ARG B 62 -7.30 -11.16 1.28
CA ARG B 62 -6.71 -9.96 1.89
C ARG B 62 -7.46 -8.70 1.48
N ARG B 63 -7.74 -7.84 2.47
CA ARG B 63 -8.40 -6.55 2.21
C ARG B 63 -8.16 -5.59 3.37
N SER B 64 -8.20 -4.28 3.09
CA SER B 64 -8.07 -3.27 4.14
C SER B 64 -8.77 -1.95 3.79
N CYS B 65 -8.12 -1.12 2.98
CA CYS B 65 -8.58 0.24 2.73
C CYS B 65 -9.83 0.37 1.86
N ARG B 66 -10.13 -0.68 1.08
CA ARG B 66 -11.19 -0.65 0.04
C ARG B 66 -11.24 0.67 -0.75
N GLU B 67 -10.07 1.24 -1.01
CA GLU B 67 -9.94 2.57 -1.59
C GLU B 67 -8.92 2.59 -2.73
N GLY B 68 -8.28 1.44 -2.96
CA GLY B 68 -7.24 1.31 -3.97
C GLY B 68 -5.98 2.04 -3.58
N ILE B 69 -5.66 2.02 -2.28
CA ILE B 69 -4.48 2.72 -1.76
C ILE B 69 -3.52 1.79 -1.00
N CYS B 70 -4.05 0.81 -0.29
CA CYS B 70 -3.20 -0.11 0.48
C CYS B 70 -2.57 -1.19 -0.40
N GLY B 71 -3.36 -1.73 -1.32
CA GLY B 71 -2.89 -2.78 -2.23
C GLY B 71 -3.01 -4.19 -1.69
N SER B 72 -3.93 -4.39 -0.74
CA SER B 72 -4.13 -5.70 -0.12
C SER B 72 -4.87 -6.69 -1.02
N CYS B 73 -5.92 -6.20 -1.67
CA CYS B 73 -6.83 -7.07 -2.42
C CYS B 73 -6.41 -7.35 -3.86
N ALA B 74 -5.10 -7.46 -4.09
CA ALA B 74 -4.58 -7.75 -5.42
C ALA B 74 -4.83 -9.21 -5.78
N MET B 75 -5.45 -9.41 -6.95
CA MET B 75 -5.82 -10.74 -7.43
C MET B 75 -6.07 -10.72 -8.93
N ASN B 76 -6.25 -11.90 -9.52
CA ASN B 76 -6.52 -12.02 -10.96
C ASN B 76 -8.02 -12.08 -11.26
N ILE B 77 -8.58 -10.91 -11.58
CA ILE B 77 -9.99 -10.80 -11.96
C ILE B 77 -10.12 -10.85 -13.48
N ASN B 78 -10.90 -11.81 -13.96
CA ASN B 78 -11.23 -11.97 -15.39
C ASN B 78 -10.03 -11.95 -16.34
N GLY B 79 -8.90 -12.50 -15.88
CA GLY B 79 -7.69 -12.57 -16.69
C GLY B 79 -6.56 -11.69 -16.22
N GLY B 80 -6.87 -10.44 -15.87
CA GLY B 80 -5.86 -9.45 -15.50
C GLY B 80 -5.65 -9.27 -14.00
N ASN B 81 -4.44 -8.85 -13.63
CA ASN B 81 -4.08 -8.55 -12.23
C ASN B 81 -4.46 -7.12 -11.86
N THR B 82 -5.45 -6.97 -10.98
CA THR B 82 -5.88 -5.65 -10.51
C THR B 82 -6.28 -5.67 -9.04
N LEU B 83 -6.71 -4.51 -8.55
CA LEU B 83 -7.26 -4.37 -7.22
C LEU B 83 -8.77 -4.59 -7.29
N ALA B 84 -9.29 -5.43 -6.40
CA ALA B 84 -10.70 -5.82 -6.41
C ALA B 84 -11.65 -4.70 -6.01
N CYS B 85 -11.16 -3.75 -5.22
CA CYS B 85 -11.95 -2.61 -4.75
C CYS B 85 -12.00 -1.47 -5.77
N THR B 86 -11.37 -1.67 -6.92
CA THR B 86 -11.25 -0.63 -7.94
C THR B 86 -11.92 -1.06 -9.27
N ARG B 87 -11.87 -2.35 -9.56
CA ARG B 87 -12.50 -2.89 -10.78
C ARG B 87 -13.96 -3.18 -10.50
N ARG B 88 -14.84 -2.34 -11.03
CA ARG B 88 -16.28 -2.53 -10.85
C ARG B 88 -16.79 -3.68 -11.72
N ILE B 89 -17.77 -4.41 -11.19
CA ILE B 89 -18.29 -5.61 -11.84
C ILE B 89 -18.92 -5.26 -13.19
N ASP B 90 -18.70 -6.13 -14.17
CA ASP B 90 -19.34 -6.01 -15.48
C ASP B 90 -20.83 -6.32 -15.32
N THR B 91 -21.66 -5.31 -15.50
CA THR B 91 -23.12 -5.41 -15.29
C THR B 91 -23.79 -6.42 -16.22
N ASN B 92 -23.12 -6.78 -17.32
CA ASN B 92 -23.59 -7.80 -18.25
C ASN B 92 -23.79 -9.13 -17.53
N LEU B 93 -25.05 -9.44 -17.25
CA LEU B 93 -25.42 -10.61 -16.46
C LEU B 93 -25.16 -11.93 -17.17
N ASP B 94 -25.13 -11.90 -18.50
CA ASP B 94 -24.90 -13.08 -19.32
C ASP B 94 -23.44 -13.58 -19.27
N LYS B 95 -22.60 -12.86 -18.54
CA LYS B 95 -21.20 -13.27 -18.34
C LYS B 95 -20.95 -13.67 -16.90
N VAL B 96 -19.94 -14.52 -16.70
CA VAL B 96 -19.56 -14.98 -15.37
C VAL B 96 -18.14 -14.53 -15.01
N SER B 97 -18.02 -13.76 -13.94
CA SER B 97 -16.72 -13.27 -13.46
C SER B 97 -15.85 -14.39 -12.89
N LYS B 98 -14.64 -14.51 -13.42
CA LYS B 98 -13.67 -15.51 -12.94
C LYS B 98 -12.58 -14.85 -12.10
N ILE B 99 -12.53 -15.24 -10.83
CA ILE B 99 -11.58 -14.67 -9.87
C ILE B 99 -10.53 -15.71 -9.48
N TYR B 100 -9.26 -15.34 -9.65
CA TYR B 100 -8.12 -16.20 -9.34
C TYR B 100 -7.11 -15.48 -8.44
N PRO B 101 -6.23 -16.25 -7.75
CA PRO B 101 -5.12 -15.64 -7.02
C PRO B 101 -4.04 -15.20 -7.99
N LEU B 102 -3.14 -14.35 -7.54
CA LEU B 102 -2.06 -13.82 -8.37
C LEU B 102 -1.21 -14.93 -9.01
N PRO B 103 -1.17 -14.98 -10.36
CA PRO B 103 -0.45 -15.93 -11.21
C PRO B 103 0.93 -16.36 -10.73
N HIS B 104 1.15 -17.67 -10.74
CA HIS B 104 2.46 -18.28 -10.44
C HIS B 104 3.00 -17.89 -9.06
N MET B 105 2.15 -18.02 -8.05
CA MET B 105 2.55 -17.82 -6.66
C MET B 105 2.09 -19.02 -5.84
N TYR B 106 2.79 -19.29 -4.75
CA TYR B 106 2.37 -20.34 -3.83
C TYR B 106 1.12 -19.91 -3.08
N VAL B 107 0.07 -20.72 -3.17
CA VAL B 107 -1.19 -20.42 -2.52
C VAL B 107 -1.16 -20.90 -1.08
N ILE B 108 -1.37 -19.97 -0.15
CA ILE B 108 -1.46 -20.30 1.27
C ILE B 108 -2.85 -20.90 1.52
N LYS B 109 -3.86 -20.19 1.04
CA LYS B 109 -5.27 -20.59 1.14
C LYS B 109 -6.08 -19.65 0.27
N ASP B 110 -6.94 -20.22 -0.59
CA ASP B 110 -7.81 -19.45 -1.48
C ASP B 110 -7.07 -18.37 -2.27
N LEU B 111 -7.53 -17.13 -2.14
CA LEU B 111 -7.00 -16.00 -2.90
C LEU B 111 -5.88 -15.26 -2.16
N VAL B 112 -5.17 -15.98 -1.29
CA VAL B 112 -4.06 -15.43 -0.52
C VAL B 112 -2.73 -16.04 -0.97
N PRO B 113 -1.94 -15.28 -1.74
CA PRO B 113 -0.66 -15.74 -2.24
C PRO B 113 0.50 -15.42 -1.30
N ASP B 114 1.63 -16.11 -1.46
CA ASP B 114 2.82 -15.86 -0.66
C ASP B 114 3.68 -14.76 -1.29
N LEU B 115 3.77 -13.64 -0.59
CA LEU B 115 4.51 -12.47 -1.06
C LEU B 115 5.85 -12.30 -0.33
N SER B 116 6.24 -13.33 0.43
CA SER B 116 7.47 -13.31 1.23
C SER B 116 8.72 -13.02 0.40
N ASN B 117 8.85 -13.71 -0.73
CA ASN B 117 9.96 -13.50 -1.65
C ASN B 117 9.87 -12.13 -2.30
N PHE B 118 8.64 -11.72 -2.63
CA PHE B 118 8.39 -10.41 -3.22
C PHE B 118 8.93 -9.28 -2.34
N TYR B 119 8.62 -9.34 -1.05
CA TYR B 119 9.08 -8.33 -0.09
C TYR B 119 10.59 -8.40 0.14
N ALA B 120 11.11 -9.63 0.14
CA ALA B 120 12.53 -9.86 0.38
C ALA B 120 13.38 -9.25 -0.72
N GLN B 121 12.88 -9.31 -1.95
CA GLN B 121 13.54 -8.68 -3.10
C GLN B 121 13.56 -7.16 -2.94
N TYR B 122 12.46 -6.61 -2.41
CA TYR B 122 12.32 -5.19 -2.14
C TYR B 122 13.32 -4.71 -1.08
N LYS B 123 13.67 -5.60 -0.15
CA LYS B 123 14.66 -5.31 0.87
C LYS B 123 16.08 -5.23 0.29
N SER B 124 16.34 -6.03 -0.75
CA SER B 124 17.69 -6.18 -1.30
C SER B 124 18.16 -4.99 -2.13
N ILE B 125 17.25 -4.10 -2.50
CA ILE B 125 17.62 -2.90 -3.24
C ILE B 125 17.88 -1.69 -2.34
N GLU B 126 17.41 -1.78 -1.10
CA GLU B 126 17.59 -0.72 -0.08
C GLU B 126 16.81 0.56 -0.41
N PRO B 127 15.49 0.53 -0.19
CA PRO B 127 14.62 1.66 -0.54
C PRO B 127 14.63 2.78 0.52
N TYR B 128 15.79 3.40 0.71
CA TYR B 128 15.95 4.51 1.64
C TYR B 128 17.11 5.40 1.21
N LEU B 129 17.05 6.68 1.58
CA LEU B 129 18.11 7.62 1.22
C LEU B 129 19.46 7.19 1.76
N LYS B 130 20.48 7.34 0.93
CA LYS B 130 21.85 7.08 1.35
C LYS B 130 22.74 8.26 1.00
N LYS B 131 23.15 8.97 2.04
CA LYS B 131 24.05 10.12 1.90
C LYS B 131 25.47 9.72 2.28
N LYS B 132 26.46 10.35 1.65
CA LYS B 132 27.87 10.11 1.97
C LYS B 132 28.24 10.67 3.34
N ASP B 133 27.64 11.80 3.69
CA ASP B 133 27.80 12.40 5.01
C ASP B 133 26.45 12.38 5.73
N GLU B 134 26.26 11.37 6.59
CA GLU B 134 25.03 11.23 7.38
C GLU B 134 25.20 11.69 8.82
N SER B 135 26.32 12.34 9.11
CA SER B 135 26.59 12.88 10.45
C SER B 135 25.81 14.18 10.69
N GLN B 136 25.42 14.85 9.61
CA GLN B 136 24.68 16.11 9.68
C GLN B 136 23.17 15.94 9.43
N GLU B 137 22.71 14.69 9.41
CA GLU B 137 21.30 14.40 9.14
C GLU B 137 20.40 14.78 10.32
N GLY B 138 19.13 15.03 10.01
CA GLY B 138 18.12 15.37 11.01
C GLY B 138 18.09 16.82 11.43
N LYS B 139 19.13 17.58 11.09
CA LYS B 139 19.24 18.98 11.49
C LYS B 139 18.46 19.91 10.57
N GLN B 140 18.86 19.96 9.31
CA GLN B 140 18.20 20.83 8.32
C GLN B 140 17.63 20.04 7.15
N GLN B 141 16.57 20.57 6.56
CA GLN B 141 15.90 19.93 5.42
C GLN B 141 16.80 19.91 4.18
N TYR B 142 16.87 18.76 3.52
CA TYR B 142 17.62 18.62 2.27
C TYR B 142 16.92 19.39 1.17
N LEU B 143 17.68 20.23 0.46
CA LEU B 143 17.14 21.03 -0.63
C LEU B 143 16.99 20.21 -1.91
N GLN B 144 15.82 20.34 -2.53
CA GLN B 144 15.53 19.71 -3.81
C GLN B 144 14.65 20.65 -4.63
N SER B 145 15.08 20.93 -5.86
CA SER B 145 14.36 21.84 -6.74
C SER B 145 13.02 21.27 -7.19
N ILE B 146 12.10 22.16 -7.53
CA ILE B 146 10.74 21.79 -7.98
C ILE B 146 10.78 20.84 -9.19
N GLU B 147 11.78 21.00 -10.04
CA GLU B 147 11.95 20.17 -11.23
C GLU B 147 12.48 18.78 -10.88
N GLU B 148 13.38 18.71 -9.90
CA GLU B 148 13.92 17.44 -9.40
C GLU B 148 12.84 16.63 -8.69
N ARG B 149 11.80 17.32 -8.22
CA ARG B 149 10.65 16.70 -7.59
C ARG B 149 9.75 16.01 -8.60
N GLU B 150 9.61 16.62 -9.79
CA GLU B 150 8.76 16.07 -10.86
C GLU B 150 9.28 14.76 -11.44
N LYS B 151 10.56 14.48 -11.21
CA LYS B 151 11.20 13.27 -11.74
C LYS B 151 10.79 12.04 -10.96
N LEU B 152 10.30 12.23 -9.74
CA LEU B 152 9.82 11.14 -8.91
C LEU B 152 8.32 10.84 -9.14
N ASP B 153 7.64 11.75 -9.84
CA ASP B 153 6.24 11.55 -10.17
C ASP B 153 6.06 10.37 -11.12
N GLY B 154 5.13 9.49 -10.76
CA GLY B 154 4.92 8.24 -11.47
C GLY B 154 5.67 7.08 -10.81
N LEU B 155 6.66 7.41 -9.98
CA LEU B 155 7.48 6.39 -9.32
C LEU B 155 7.07 6.11 -7.86
N TYR B 156 6.91 7.16 -7.06
CA TYR B 156 6.62 7.01 -5.63
C TYR B 156 5.25 6.41 -5.34
N GLU B 157 4.29 6.65 -6.24
CA GLU B 157 2.89 6.27 -6.06
C GLU B 157 2.65 4.76 -5.90
N CYS B 158 3.60 3.95 -6.39
CA CYS B 158 3.53 2.49 -6.31
C CYS B 158 3.25 2.03 -4.88
N ILE B 159 2.20 1.23 -4.72
CA ILE B 159 1.78 0.75 -3.39
C ILE B 159 2.26 -0.67 -3.08
N LEU B 160 3.05 -1.24 -3.99
CA LEU B 160 3.58 -2.61 -3.86
C LEU B 160 2.46 -3.66 -3.85
N CYS B 161 1.52 -3.51 -4.78
CA CYS B 161 0.41 -4.45 -4.90
C CYS B 161 0.84 -5.78 -5.50
N ALA B 162 1.98 -5.77 -6.19
CA ALA B 162 2.57 -6.94 -6.85
C ALA B 162 1.70 -7.48 -7.99
N CYS B 163 0.98 -6.60 -8.66
CA CYS B 163 0.19 -6.97 -9.84
C CYS B 163 1.08 -7.08 -11.07
N CYS B 164 2.07 -6.20 -11.17
CA CYS B 164 2.97 -6.15 -12.31
C CYS B 164 3.96 -7.32 -12.33
N SER B 165 4.67 -7.52 -11.22
CA SER B 165 5.66 -8.59 -11.12
C SER B 165 5.01 -9.95 -11.32
N THR B 166 3.74 -10.06 -10.89
CA THR B 166 2.97 -11.29 -11.04
C THR B 166 2.50 -11.49 -12.48
N SER B 167 2.44 -10.41 -13.24
CA SER B 167 2.01 -10.48 -14.64
C SER B 167 3.18 -10.72 -15.59
N CYS B 168 4.39 -10.59 -15.07
CA CYS B 168 5.61 -10.77 -15.87
C CYS B 168 5.95 -12.24 -16.06
N PRO B 169 5.95 -12.71 -17.32
CA PRO B 169 6.35 -14.08 -17.63
C PRO B 169 7.78 -14.39 -17.18
N SER B 170 8.68 -13.42 -17.30
CA SER B 170 10.08 -13.59 -16.85
C SER B 170 10.16 -13.80 -15.35
N TYR B 171 9.23 -13.16 -14.62
CA TYR B 171 9.13 -13.32 -13.18
C TYR B 171 8.52 -14.68 -12.81
N TRP B 172 7.70 -15.23 -13.70
CA TRP B 172 7.18 -16.58 -13.51
C TRP B 172 8.32 -17.59 -13.60
N TRP B 173 9.05 -17.54 -14.71
CA TRP B 173 10.09 -18.52 -15.01
C TRP B 173 11.34 -18.35 -14.14
N ASN B 174 11.56 -17.14 -13.62
CA ASN B 174 12.76 -16.84 -12.85
C ASN B 174 12.52 -15.96 -11.62
N GLY B 175 11.48 -16.28 -10.86
CA GLY B 175 11.14 -15.53 -9.64
C GLY B 175 12.23 -15.50 -8.58
N ASP B 176 13.04 -16.55 -8.56
CA ASP B 176 14.11 -16.67 -7.57
C ASP B 176 15.21 -15.62 -7.73
N LYS B 177 15.63 -15.39 -8.98
CA LYS B 177 16.81 -14.56 -9.25
C LYS B 177 16.50 -13.20 -9.88
N TYR B 178 15.38 -13.12 -10.60
CA TYR B 178 14.92 -11.87 -11.20
C TYR B 178 14.08 -11.07 -10.21
N LEU B 179 14.30 -9.77 -10.16
CA LEU B 179 13.63 -8.91 -9.17
C LEU B 179 12.21 -8.53 -9.57
N GLY B 180 12.00 -8.28 -10.85
CA GLY B 180 10.68 -7.91 -11.36
C GLY B 180 10.42 -6.42 -11.37
N PRO B 181 9.39 -5.99 -12.14
CA PRO B 181 9.06 -4.58 -12.38
C PRO B 181 8.81 -3.76 -11.11
N ALA B 182 8.02 -4.30 -10.19
CA ALA B 182 7.70 -3.62 -8.94
C ALA B 182 8.95 -3.12 -8.23
N VAL B 183 9.86 -4.05 -7.92
CA VAL B 183 11.09 -3.76 -7.20
C VAL B 183 12.05 -2.92 -8.05
N LEU B 184 12.21 -3.29 -9.33
CA LEU B 184 13.11 -2.57 -10.24
C LEU B 184 12.76 -1.09 -10.36
N MET B 185 11.48 -0.79 -10.55
CA MET B 185 10.99 0.58 -10.66
C MET B 185 11.34 1.38 -9.40
N GLN B 186 11.27 0.71 -8.24
CA GLN B 186 11.64 1.34 -6.97
C GLN B 186 13.14 1.55 -6.84
N ALA B 187 13.92 0.60 -7.37
CA ALA B 187 15.37 0.76 -7.39
C ALA B 187 15.73 1.96 -8.27
N TYR B 188 14.91 2.21 -9.28
CA TYR B 188 15.06 3.37 -10.15
C TYR B 188 14.59 4.65 -9.45
N ARG B 189 13.57 4.52 -8.61
CA ARG B 189 13.04 5.64 -7.82
C ARG B 189 14.16 6.31 -7.04
N TRP B 190 15.01 5.50 -6.41
CA TRP B 190 16.12 6.00 -5.60
C TRP B 190 17.36 6.35 -6.42
N MET B 191 17.37 5.93 -7.68
CA MET B 191 18.45 6.29 -8.59
C MET B 191 18.35 7.76 -9.00
N ILE B 192 17.15 8.18 -9.39
CA ILE B 192 16.93 9.57 -9.83
C ILE B 192 16.31 10.48 -8.76
N ASP B 193 16.53 10.16 -7.50
CA ASP B 193 16.22 11.08 -6.41
C ASP B 193 17.48 11.89 -6.12
N SER B 194 17.45 13.16 -6.49
CA SER B 194 18.61 14.06 -6.41
C SER B 194 19.27 14.10 -5.03
N ARG B 195 18.55 13.63 -4.01
CA ARG B 195 19.07 13.62 -2.63
C ARG B 195 19.94 12.39 -2.36
N ASP B 196 19.81 11.36 -3.18
CA ASP B 196 20.60 10.13 -2.99
C ASP B 196 21.99 10.24 -3.58
N ASP B 197 22.99 9.79 -2.81
CA ASP B 197 24.39 9.89 -3.21
C ASP B 197 24.94 8.58 -3.79
N PHE B 198 24.18 7.50 -3.62
CA PHE B 198 24.65 6.16 -3.96
C PHE B 198 24.14 5.66 -5.31
N THR B 199 24.08 6.57 -6.29
CA THR B 199 23.51 6.28 -7.60
C THR B 199 24.32 5.27 -8.44
N GLU B 200 25.64 5.30 -8.30
CA GLU B 200 26.52 4.40 -9.04
C GLU B 200 26.48 2.97 -8.49
N GLU B 201 26.67 2.84 -7.17
CA GLU B 201 26.70 1.53 -6.52
C GLU B 201 25.34 0.83 -6.48
N ARG B 202 24.27 1.58 -6.70
CA ARG B 202 22.92 1.01 -6.87
C ARG B 202 22.79 0.31 -8.21
N LEU B 203 23.45 0.86 -9.22
CA LEU B 203 23.47 0.27 -10.56
C LEU B 203 24.37 -0.96 -10.59
N ALA B 204 25.49 -0.89 -9.87
CA ALA B 204 26.47 -1.99 -9.84
C ALA B 204 25.93 -3.26 -9.17
N LYS B 205 24.84 -3.13 -8.43
CA LYS B 205 24.19 -4.26 -7.76
C LYS B 205 23.36 -5.09 -8.75
N LEU B 206 23.15 -4.54 -9.94
CA LEU B 206 22.39 -5.21 -10.99
C LEU B 206 23.29 -5.83 -12.07
N GLN B 207 24.60 -5.83 -11.82
CA GLN B 207 25.56 -6.35 -12.80
C GLN B 207 25.62 -7.88 -12.82
N ASP B 208 24.46 -8.49 -12.96
CA ASP B 208 24.35 -9.94 -13.11
C ASP B 208 23.24 -10.25 -14.12
N PRO B 209 23.29 -11.45 -14.74
CA PRO B 209 22.37 -11.78 -15.82
C PRO B 209 20.89 -11.91 -15.42
N PHE B 210 20.58 -11.82 -14.13
CA PHE B 210 19.23 -12.12 -13.65
C PHE B 210 18.48 -10.97 -13.01
N SER B 211 19.17 -10.17 -12.19
CA SER B 211 18.52 -9.14 -11.34
C SER B 211 17.70 -8.13 -12.13
N LEU B 212 18.29 -7.64 -13.22
CA LEU B 212 17.63 -6.67 -14.09
C LEU B 212 17.39 -7.27 -15.47
N TYR B 213 18.40 -7.96 -16.00
CA TYR B 213 18.45 -8.31 -17.42
C TYR B 213 17.53 -9.44 -17.88
N ARG B 214 16.69 -9.96 -16.98
CA ARG B 214 15.68 -10.93 -17.39
C ARG B 214 14.44 -10.28 -17.99
N CYS B 215 14.34 -8.96 -17.88
CA CYS B 215 13.28 -8.22 -18.55
C CYS B 215 13.50 -8.28 -20.07
N HIS B 216 12.42 -8.54 -20.81
CA HIS B 216 12.49 -8.64 -22.26
C HIS B 216 11.46 -7.74 -22.96
N THR B 217 10.98 -6.72 -22.24
CA THR B 217 9.98 -5.77 -22.75
C THR B 217 8.71 -6.47 -23.24
N ILE B 218 8.18 -7.36 -22.42
CA ILE B 218 6.92 -8.05 -22.70
C ILE B 218 5.75 -7.10 -22.39
N MET B 219 6.02 -6.11 -21.55
CA MET B 219 5.09 -5.01 -21.26
C MET B 219 3.78 -5.39 -20.57
N ASN B 220 3.70 -6.62 -20.06
CA ASN B 220 2.54 -7.02 -19.26
C ASN B 220 2.40 -6.22 -17.98
N CYS B 221 3.54 -5.81 -17.42
CA CYS B 221 3.60 -5.05 -16.18
C CYS B 221 2.82 -3.73 -16.27
N THR B 222 3.28 -2.84 -17.15
CA THR B 222 2.65 -1.55 -17.37
C THR B 222 1.18 -1.70 -17.75
N GLY B 223 0.89 -2.69 -18.59
CA GLY B 223 -0.47 -2.97 -19.03
C GLY B 223 -1.42 -3.28 -17.89
N THR B 224 -0.94 -3.96 -16.85
CA THR B 224 -1.81 -4.44 -15.78
C THR B 224 -1.87 -3.54 -14.53
N CYS B 225 -0.95 -2.58 -14.44
CA CYS B 225 -0.82 -1.76 -13.24
C CYS B 225 -2.11 -1.03 -12.89
N PRO B 226 -2.67 -1.33 -11.70
CA PRO B 226 -3.95 -0.77 -11.27
C PRO B 226 -3.89 0.72 -10.97
N LYS B 227 -2.68 1.22 -10.69
CA LYS B 227 -2.48 2.64 -10.38
C LYS B 227 -2.23 3.49 -11.62
N GLY B 228 -2.10 2.84 -12.77
CA GLY B 228 -1.88 3.52 -14.04
C GLY B 228 -0.42 3.90 -14.29
N LEU B 229 0.47 3.31 -13.50
CA LEU B 229 1.91 3.60 -13.59
C LEU B 229 2.57 2.86 -14.75
N ASN B 230 3.80 3.23 -15.05
CA ASN B 230 4.55 2.66 -16.18
C ASN B 230 5.90 2.07 -15.77
N PRO B 231 5.88 0.90 -15.08
CA PRO B 231 7.14 0.33 -14.60
C PRO B 231 8.09 -0.07 -15.73
N GLY B 232 7.55 -0.65 -16.80
CA GLY B 232 8.36 -1.11 -17.94
C GLY B 232 9.23 -0.04 -18.54
N LYS B 233 8.68 1.16 -18.69
CA LYS B 233 9.41 2.32 -19.18
C LYS B 233 10.55 2.69 -18.24
N ALA B 234 10.28 2.61 -16.94
CA ALA B 234 11.30 2.87 -15.92
C ALA B 234 12.39 1.80 -15.92
N ILE B 235 12.02 0.56 -16.26
CA ILE B 235 12.98 -0.54 -16.41
C ILE B 235 13.88 -0.28 -17.62
N ALA B 236 13.28 0.19 -18.72
CA ALA B 236 14.03 0.57 -19.91
C ALA B 236 14.97 1.74 -19.63
N GLU B 237 14.58 2.56 -18.66
CA GLU B 237 15.39 3.70 -18.23
C GLU B 237 16.60 3.26 -17.40
N ILE B 238 16.45 2.15 -16.68
CA ILE B 238 17.56 1.57 -15.93
C ILE B 238 18.59 0.98 -16.90
N LYS B 239 18.09 0.24 -17.89
CA LYS B 239 18.95 -0.41 -18.89
C LYS B 239 19.85 0.60 -19.58
N LYS B 240 19.29 1.76 -19.92
CA LYS B 240 20.05 2.86 -20.52
C LYS B 240 21.11 3.40 -19.57
N MET B 241 20.75 3.56 -18.30
CA MET B 241 21.67 4.06 -17.28
C MET B 241 22.80 3.08 -17.02
N MET B 242 22.50 1.79 -17.08
CA MET B 242 23.47 0.73 -16.80
C MET B 242 24.63 0.67 -17.80
N ALA B 243 24.37 1.07 -19.04
CA ALA B 243 25.40 1.06 -20.07
C ALA B 243 26.12 2.39 -20.20
N THR B 244 25.51 3.44 -19.65
CA THR B 244 26.02 4.81 -19.82
C THR B 244 26.92 5.32 -18.69
N TYR B 245 26.65 4.91 -17.45
CA TYR B 245 27.38 5.40 -16.28
C TYR B 245 28.85 4.94 -16.28
N LYS B 246 29.75 5.86 -15.92
CA LYS B 246 31.19 5.60 -15.93
C LYS B 246 31.73 5.12 -14.58
N GLU B 247 32.94 4.55 -14.60
CA GLU B 247 33.61 3.96 -13.43
C GLU B 247 32.73 2.91 -12.73
N THR C 3 17.20 -10.48 10.70
CA THR C 3 17.05 -11.26 9.44
C THR C 3 17.39 -10.42 8.20
N THR C 4 18.31 -10.93 7.37
CA THR C 4 18.74 -10.22 6.15
C THR C 4 17.84 -10.57 4.95
N ALA C 5 18.01 -9.82 3.86
CA ALA C 5 17.23 -10.01 2.64
C ALA C 5 17.50 -11.35 1.97
N LYS C 6 18.75 -11.81 2.06
CA LYS C 6 19.18 -13.08 1.48
C LYS C 6 18.63 -14.29 2.27
N GLU C 7 18.60 -14.15 3.59
CA GLU C 7 18.09 -15.19 4.48
C GLU C 7 16.58 -15.37 4.34
N GLU C 8 15.87 -14.26 4.10
CA GLU C 8 14.42 -14.28 3.89
C GLU C 8 14.04 -15.10 2.65
N MET C 9 14.89 -15.05 1.63
CA MET C 9 14.66 -15.76 0.38
C MET C 9 14.92 -17.26 0.53
N GLU C 10 15.98 -17.62 1.25
CA GLU C 10 16.26 -19.01 1.61
C GLU C 10 15.09 -19.62 2.37
N ARG C 11 14.55 -18.87 3.32
CA ARG C 11 13.44 -19.33 4.16
C ARG C 11 12.09 -19.32 3.43
N PHE C 12 12.02 -18.59 2.32
CA PHE C 12 10.84 -18.61 1.46
C PHE C 12 10.78 -19.93 0.68
N TRP C 13 11.93 -20.33 0.13
CA TRP C 13 12.00 -21.52 -0.72
C TRP C 13 11.99 -22.82 0.08
N ASN C 14 12.70 -22.84 1.21
CA ASN C 14 12.69 -24.00 2.12
C ASN C 14 11.29 -24.30 2.65
N LYS C 15 10.56 -23.24 2.99
CA LYS C 15 9.20 -23.34 3.52
C LYS C 15 8.22 -23.89 2.49
N ASN C 16 8.24 -23.29 1.29
CA ASN C 16 7.24 -23.57 0.26
C ASN C 16 7.43 -24.88 -0.50
N LEU C 17 8.68 -25.20 -0.84
CA LEU C 17 8.99 -26.42 -1.59
C LEU C 17 8.79 -27.69 -0.76
N GLY C 18 9.04 -27.59 0.54
CA GLY C 18 8.80 -28.68 1.47
C GLY C 18 7.40 -28.64 2.06
N SER C 19 6.42 -28.32 1.21
CA SER C 19 5.01 -28.24 1.62
C SER C 19 4.08 -28.79 0.54
N ASN C 20 2.78 -28.75 0.83
CA ASN C 20 1.75 -29.20 -0.12
C ASN C 20 1.02 -28.05 -0.80
N ARG C 21 1.59 -26.85 -0.72
CA ARG C 21 1.01 -25.65 -1.33
C ARG C 21 1.07 -25.72 -2.86
N PRO C 22 -0.03 -25.33 -3.54
CA PRO C 22 -0.06 -25.33 -5.01
C PRO C 22 0.32 -23.99 -5.63
N LEU C 23 0.89 -24.02 -6.83
CA LEU C 23 1.13 -22.80 -7.59
C LEU C 23 -0.15 -22.35 -8.26
N SER C 24 -0.46 -21.07 -8.12
CA SER C 24 -1.63 -20.49 -8.79
C SER C 24 -1.46 -20.55 -10.30
N PRO C 25 -2.55 -20.83 -11.03
CA PRO C 25 -2.52 -20.92 -12.50
C PRO C 25 -2.01 -19.63 -13.15
N HIS C 26 -1.14 -19.79 -14.15
CA HIS C 26 -0.49 -18.65 -14.80
C HIS C 26 -0.87 -18.47 -16.27
N ILE C 27 -0.28 -19.29 -17.15
CA ILE C 27 -0.60 -19.23 -18.58
C ILE C 27 -2.00 -19.77 -18.87
N THR C 28 -2.48 -20.64 -17.97
CA THR C 28 -3.80 -21.28 -18.10
C THR C 28 -4.94 -20.27 -18.10
N ILE C 29 -4.75 -19.14 -17.44
CA ILE C 29 -5.84 -18.19 -17.20
C ILE C 29 -5.59 -16.75 -17.65
N TYR C 30 -4.32 -16.34 -17.76
CA TYR C 30 -4.01 -14.93 -17.98
C TYR C 30 -4.54 -14.35 -19.29
N ARG C 31 -5.04 -13.13 -19.20
CA ARG C 31 -5.59 -12.35 -20.33
C ARG C 31 -4.62 -12.27 -21.49
N TRP C 32 -5.01 -12.83 -22.63
CA TRP C 32 -4.20 -12.78 -23.85
C TRP C 32 -4.25 -11.39 -24.50
N SER C 33 -3.07 -10.81 -24.70
CA SER C 33 -2.95 -9.48 -25.30
C SER C 33 -2.02 -9.54 -26.50
N LEU C 34 -2.10 -8.53 -27.36
CA LEU C 34 -1.27 -8.46 -28.56
C LEU C 34 0.24 -8.38 -28.27
N PRO C 35 0.68 -7.48 -27.36
CA PRO C 35 2.10 -7.40 -27.05
C PRO C 35 2.71 -8.72 -26.56
N MET C 36 2.03 -9.37 -25.62
CA MET C 36 2.51 -10.62 -25.01
C MET C 36 2.66 -11.73 -26.06
N ALA C 37 1.70 -11.81 -26.97
CA ALA C 37 1.72 -12.78 -28.06
C ALA C 37 2.80 -12.44 -29.09
N MET C 38 3.01 -11.15 -29.31
CA MET C 38 4.01 -10.67 -30.28
C MET C 38 5.45 -10.86 -29.80
N SER C 39 5.62 -11.09 -28.50
CA SER C 39 6.92 -11.40 -27.94
C SER C 39 7.26 -12.88 -28.13
N ILE C 40 6.26 -13.74 -27.98
CA ILE C 40 6.41 -15.18 -28.21
C ILE C 40 6.80 -15.44 -29.65
N CYS C 41 6.15 -14.73 -30.57
CA CYS C 41 6.43 -14.84 -32.00
C CYS C 41 7.83 -14.33 -32.36
N HIS C 42 8.31 -13.32 -31.63
CA HIS C 42 9.66 -12.82 -31.83
C HIS C 42 10.70 -13.85 -31.37
N ARG C 43 10.36 -14.57 -30.31
CA ARG C 43 11.17 -15.69 -29.84
C ARG C 43 11.06 -16.88 -30.78
N GLY C 44 9.83 -17.16 -31.22
CA GLY C 44 9.56 -18.25 -32.15
C GLY C 44 10.34 -18.09 -33.44
N THR C 45 10.27 -16.89 -34.03
CA THR C 45 11.01 -16.58 -35.25
C THR C 45 12.52 -16.62 -35.01
N GLY C 46 12.95 -16.08 -33.88
CA GLY C 46 14.37 -16.06 -33.51
C GLY C 46 15.01 -17.44 -33.45
N ILE C 47 14.29 -18.38 -32.83
CA ILE C 47 14.75 -19.77 -32.73
C ILE C 47 14.75 -20.44 -34.11
N ALA C 48 13.66 -20.29 -34.85
CA ALA C 48 13.49 -20.90 -36.17
C ALA C 48 14.53 -20.42 -37.17
N LEU C 49 14.77 -19.11 -37.21
CA LEU C 49 15.73 -18.51 -38.14
C LEU C 49 17.17 -18.93 -37.83
N SER C 50 17.54 -18.94 -36.56
CA SER C 50 18.87 -19.37 -36.13
C SER C 50 19.08 -20.86 -36.38
N ALA C 51 18.02 -21.64 -36.28
CA ALA C 51 18.04 -23.06 -36.61
C ALA C 51 18.18 -23.24 -38.13
N GLY C 52 17.52 -22.35 -38.87
CA GLY C 52 17.61 -22.34 -40.34
C GLY C 52 19.00 -21.96 -40.81
N VAL C 53 19.60 -20.97 -40.16
CA VAL C 53 20.98 -20.55 -40.44
C VAL C 53 21.97 -21.67 -40.13
N SER C 54 21.76 -22.35 -38.99
CA SER C 54 22.61 -23.48 -38.60
C SER C 54 22.49 -24.67 -39.54
N LEU C 55 21.27 -25.06 -39.88
CA LEU C 55 21.03 -26.15 -40.83
C LEU C 55 21.74 -25.91 -42.16
N PHE C 56 21.81 -24.65 -42.57
CA PHE C 56 22.48 -24.28 -43.82
C PHE C 56 23.99 -24.43 -43.70
N GLY C 57 24.56 -23.91 -42.62
CA GLY C 57 26.01 -23.98 -42.39
C GLY C 57 26.51 -25.39 -42.10
N LEU C 58 25.73 -26.13 -41.32
CA LEU C 58 26.09 -27.50 -40.90
C LEU C 58 26.09 -28.49 -42.05
N SER C 59 25.02 -28.49 -42.84
CA SER C 59 24.90 -29.40 -43.99
C SER C 59 25.87 -29.04 -45.11
N ALA C 60 26.37 -27.80 -45.09
CA ALA C 60 27.40 -27.35 -46.03
C ALA C 60 28.79 -27.80 -45.59
N LEU C 61 28.86 -28.47 -44.44
CA LEU C 61 30.11 -28.95 -43.88
C LEU C 61 30.13 -30.48 -43.78
N LEU C 62 28.94 -31.08 -43.77
CA LEU C 62 28.80 -32.53 -43.59
C LEU C 62 28.37 -33.25 -44.86
N LEU C 63 27.32 -32.76 -45.51
CA LEU C 63 26.73 -33.42 -46.68
C LEU C 63 27.54 -33.19 -47.95
N PRO C 64 27.71 -34.25 -48.78
CA PRO C 64 28.49 -34.18 -50.01
C PRO C 64 27.77 -33.39 -51.12
N GLY C 65 28.56 -32.85 -52.05
CA GLY C 65 28.03 -32.08 -53.18
C GLY C 65 28.10 -30.58 -52.98
N ASN C 66 28.16 -29.83 -54.07
CA ASN C 66 28.19 -28.37 -54.03
C ASN C 66 26.78 -27.77 -54.17
N PHE C 67 26.68 -26.45 -53.96
CA PHE C 67 25.38 -25.76 -53.94
C PHE C 67 24.67 -25.77 -55.29
N GLU C 68 25.43 -25.66 -56.37
CA GLU C 68 24.88 -25.67 -57.73
C GLU C 68 24.16 -26.98 -58.03
N SER C 69 24.73 -28.09 -57.56
CA SER C 69 24.14 -29.41 -57.71
C SER C 69 22.92 -29.60 -56.80
N HIS C 70 22.98 -29.00 -55.61
CA HIS C 70 21.90 -29.09 -54.64
C HIS C 70 20.61 -28.41 -55.10
N LEU C 71 20.75 -27.37 -55.91
CA LEU C 71 19.59 -26.69 -56.50
C LEU C 71 18.98 -27.51 -57.64
N GLU C 72 19.83 -28.12 -58.45
CA GLU C 72 19.41 -28.89 -59.62
C GLU C 72 18.50 -30.07 -59.29
N LEU C 73 18.70 -30.68 -58.12
CA LEU C 73 17.85 -31.79 -57.68
C LEU C 73 16.52 -31.30 -57.09
N VAL C 74 16.48 -30.03 -56.69
CA VAL C 74 15.25 -29.39 -56.25
C VAL C 74 14.66 -28.53 -57.40
N LYS C 75 14.98 -28.91 -58.62
CA LYS C 75 14.38 -28.33 -59.82
C LYS C 75 13.46 -29.35 -60.48
N SER C 76 13.95 -30.59 -60.57
CA SER C 76 13.21 -31.68 -61.19
C SER C 76 12.25 -32.34 -60.20
N LEU C 77 11.21 -31.58 -59.84
CA LEU C 77 10.16 -32.08 -58.94
C LEU C 77 8.85 -31.33 -59.20
N CYS C 78 8.68 -30.85 -60.43
CA CYS C 78 7.58 -30.00 -60.86
C CYS C 78 7.69 -28.59 -60.25
N LEU C 79 8.19 -27.65 -61.06
CA LEU C 79 8.34 -26.25 -60.64
C LEU C 79 6.99 -25.53 -60.63
N GLY C 80 6.15 -25.88 -59.66
CA GLY C 80 4.81 -25.32 -59.56
C GLY C 80 4.79 -23.90 -59.05
N PRO C 81 4.05 -23.00 -59.74
CA PRO C 81 3.91 -21.60 -59.33
C PRO C 81 3.09 -21.45 -58.04
N THR C 82 2.28 -22.48 -57.73
CA THR C 82 1.47 -22.50 -56.52
C THR C 82 2.27 -23.01 -55.32
N LEU C 83 3.37 -23.71 -55.59
CA LEU C 83 4.17 -24.34 -54.54
C LEU C 83 5.48 -23.61 -54.28
N ILE C 84 6.20 -23.27 -55.36
CA ILE C 84 7.51 -22.60 -55.26
C ILE C 84 7.38 -21.20 -54.63
N TYR C 85 6.32 -20.49 -54.99
CA TYR C 85 6.01 -19.21 -54.37
C TYR C 85 5.78 -19.38 -52.86
N THR C 86 5.00 -20.39 -52.49
CA THR C 86 4.65 -20.67 -51.10
C THR C 86 5.86 -21.09 -50.26
N ALA C 87 6.72 -21.91 -50.85
CA ALA C 87 7.97 -22.32 -50.18
C ALA C 87 8.87 -21.11 -49.93
N LYS C 88 8.94 -20.22 -50.92
CA LYS C 88 9.73 -19.00 -50.85
C LYS C 88 9.10 -17.95 -49.91
N PHE C 89 7.77 -17.96 -49.83
CA PHE C 89 7.03 -17.05 -48.94
C PHE C 89 7.18 -17.47 -47.47
N GLY C 90 7.25 -18.79 -47.23
CA GLY C 90 7.36 -19.33 -45.88
C GLY C 90 8.74 -19.21 -45.26
N ILE C 91 9.71 -18.75 -46.05
CA ILE C 91 11.06 -18.51 -45.56
C ILE C 91 11.24 -17.02 -45.26
N VAL C 92 10.73 -16.19 -46.16
CA VAL C 92 10.85 -14.74 -46.03
C VAL C 92 9.92 -14.16 -44.96
N PHE C 93 8.87 -14.90 -44.59
CA PHE C 93 7.87 -14.42 -43.64
C PHE C 93 8.39 -14.33 -42.19
N PRO C 94 8.99 -15.42 -41.65
CA PRO C 94 9.54 -15.33 -40.30
C PRO C 94 10.67 -14.29 -40.20
N LEU C 95 11.42 -14.11 -41.28
CA LEU C 95 12.51 -13.14 -41.33
C LEU C 95 11.98 -11.72 -41.21
N MET C 96 10.97 -11.39 -42.01
CA MET C 96 10.39 -10.04 -42.04
C MET C 96 9.73 -9.65 -40.72
N TYR C 97 9.03 -10.58 -40.10
CA TYR C 97 8.40 -10.34 -38.81
C TYR C 97 9.46 -10.02 -37.74
N HIS C 98 10.47 -10.87 -37.65
CA HIS C 98 11.55 -10.71 -36.68
C HIS C 98 12.34 -9.43 -36.91
N THR C 99 12.47 -9.03 -38.18
CA THR C 99 13.15 -7.80 -38.56
C THR C 99 12.36 -6.57 -38.14
N TRP C 100 11.07 -6.54 -38.49
CA TRP C 100 10.21 -5.40 -38.19
C TRP C 100 9.94 -5.21 -36.71
N ASN C 101 9.71 -6.32 -36.00
CA ASN C 101 9.56 -6.29 -34.55
C ASN C 101 10.91 -6.06 -33.85
N GLY C 102 11.98 -6.41 -34.56
CA GLY C 102 13.34 -6.19 -34.08
C GLY C 102 13.70 -4.72 -33.98
N ILE C 103 13.29 -3.94 -35.00
CA ILE C 103 13.46 -2.49 -34.99
C ILE C 103 12.67 -1.88 -33.83
N ARG C 104 11.45 -2.39 -33.63
CA ARG C 104 10.58 -1.93 -32.55
C ARG C 104 11.24 -2.15 -31.18
N HIS C 105 11.91 -3.28 -31.01
CA HIS C 105 12.69 -3.56 -29.80
C HIS C 105 13.82 -2.55 -29.59
N LEU C 106 14.50 -2.20 -30.68
CA LEU C 106 15.61 -1.25 -30.65
C LEU C 106 15.13 0.18 -30.36
N ILE C 107 13.93 0.50 -30.82
CA ILE C 107 13.29 1.78 -30.48
C ILE C 107 12.96 1.79 -28.99
N TRP C 108 12.45 0.66 -28.49
CA TRP C 108 12.14 0.49 -27.07
C TRP C 108 13.38 0.63 -26.19
N ASP C 109 14.48 0.03 -26.63
CA ASP C 109 15.74 0.07 -25.87
C ASP C 109 16.26 1.49 -25.72
N LEU C 110 15.98 2.33 -26.72
CA LEU C 110 16.28 3.75 -26.66
C LEU C 110 15.33 4.48 -25.70
N GLY C 111 14.22 3.85 -25.36
CA GLY C 111 13.28 4.38 -24.38
C GLY C 111 12.03 5.02 -24.96
N LYS C 112 11.79 4.79 -26.25
CA LYS C 112 10.67 5.45 -26.93
C LYS C 112 9.52 4.49 -27.25
N GLY C 113 8.30 5.03 -27.23
CA GLY C 113 7.09 4.29 -27.58
C GLY C 113 6.68 3.24 -26.56
N LEU C 114 6.65 3.64 -25.30
CA LEU C 114 6.37 2.68 -24.22
C LEU C 114 5.06 2.92 -23.46
N THR C 115 4.12 3.65 -24.08
CA THR C 115 2.76 3.73 -23.56
C THR C 115 1.91 2.65 -24.22
N ILE C 116 0.84 2.24 -23.56
CA ILE C 116 -0.06 1.20 -24.10
C ILE C 116 -0.72 1.57 -25.44
N PRO C 117 -1.14 2.85 -25.62
CA PRO C 117 -1.57 3.27 -26.96
C PRO C 117 -0.45 3.17 -28.00
N GLN C 118 0.80 3.36 -27.58
CA GLN C 118 1.95 3.27 -28.49
C GLN C 118 2.40 1.83 -28.79
N LEU C 119 1.97 0.89 -27.94
CA LEU C 119 2.22 -0.53 -28.19
C LEU C 119 1.21 -1.15 -29.15
N THR C 120 -0.05 -0.76 -28.99
CA THR C 120 -1.12 -1.25 -29.85
C THR C 120 -1.09 -0.63 -31.25
N GLN C 121 -0.53 0.58 -31.37
CA GLN C 121 -0.36 1.23 -32.67
C GLN C 121 0.79 0.62 -33.48
N SER C 122 1.98 0.59 -32.87
CA SER C 122 3.18 0.04 -33.50
C SER C 122 3.10 -1.48 -33.67
N GLY C 123 2.31 -2.13 -32.82
CA GLY C 123 2.03 -3.57 -32.93
C GLY C 123 1.30 -3.92 -34.21
N VAL C 124 0.36 -3.07 -34.61
CA VAL C 124 -0.35 -3.23 -35.88
C VAL C 124 0.60 -2.96 -37.05
N VAL C 125 1.36 -1.87 -36.94
CA VAL C 125 2.31 -1.47 -38.00
C VAL C 125 3.32 -2.57 -38.33
N VAL C 126 3.81 -3.26 -37.30
CA VAL C 126 4.74 -4.38 -37.48
C VAL C 126 4.09 -5.53 -38.26
N LEU C 127 2.87 -5.89 -37.90
CA LEU C 127 2.10 -6.90 -38.62
C LEU C 127 1.88 -6.52 -40.09
N ILE C 128 1.50 -5.27 -40.32
CA ILE C 128 1.22 -4.76 -41.66
C ILE C 128 2.48 -4.70 -42.53
N LEU C 129 3.58 -4.17 -41.97
CA LEU C 129 4.87 -4.14 -42.65
C LEU C 129 5.44 -5.52 -42.94
N THR C 130 5.07 -6.50 -42.11
CA THR C 130 5.46 -7.89 -42.31
C THR C 130 4.75 -8.51 -43.53
N VAL C 131 3.43 -8.38 -43.56
CA VAL C 131 2.59 -8.91 -44.64
C VAL C 131 3.02 -8.36 -46.00
N LEU C 132 3.19 -7.04 -46.08
CA LEU C 132 3.56 -6.36 -47.33
C LEU C 132 4.95 -6.69 -47.84
N SER C 133 5.93 -6.72 -46.94
CA SER C 133 7.32 -7.01 -47.32
C SER C 133 7.55 -8.48 -47.61
N SER C 134 6.75 -9.35 -46.99
CA SER C 134 6.87 -10.79 -47.22
C SER C 134 6.24 -11.22 -48.54
N VAL C 135 5.10 -10.62 -48.88
CA VAL C 135 4.45 -10.84 -50.18
C VAL C 135 5.22 -10.11 -51.28
N GLY C 136 5.86 -9.00 -50.90
CA GLY C 136 6.67 -8.19 -51.83
C GLY C 136 7.97 -8.85 -52.25
N LEU C 137 8.73 -9.36 -51.29
CA LEU C 137 10.01 -10.02 -51.56
C LEU C 137 9.84 -11.41 -52.16
N ALA C 138 8.64 -11.97 -52.04
CA ALA C 138 8.30 -13.23 -52.69
C ALA C 138 7.98 -13.02 -54.18
N ALA C 139 8.24 -11.81 -54.67
CA ALA C 139 7.97 -11.43 -56.05
C ALA C 139 9.20 -10.85 -56.77
N MET C 140 10.30 -10.70 -56.03
CA MET C 140 11.56 -10.20 -56.59
C MET C 140 12.36 -11.30 -57.30
N SER D 2 35.39 -3.23 -9.02
CA SER D 2 34.13 -3.89 -9.50
C SER D 2 34.05 -3.86 -11.02
N SER D 3 33.85 -5.03 -11.63
CA SER D 3 33.76 -5.16 -13.09
C SER D 3 32.30 -5.21 -13.55
N LYS D 4 31.99 -4.46 -14.60
CA LYS D 4 30.66 -4.47 -15.19
C LYS D 4 30.60 -5.26 -16.49
N ALA D 5 30.21 -6.53 -16.37
CA ALA D 5 30.22 -7.47 -17.50
C ALA D 5 28.83 -7.69 -18.11
N ALA D 6 27.79 -7.61 -17.28
CA ALA D 6 26.41 -7.81 -17.72
C ALA D 6 25.89 -6.64 -18.55
N SER D 7 26.41 -5.45 -18.27
CA SER D 7 26.02 -4.25 -19.01
C SER D 7 26.63 -4.22 -20.42
N LEU D 8 27.93 -4.52 -20.52
CA LEU D 8 28.64 -4.54 -21.80
C LEU D 8 28.09 -5.62 -22.73
N HIS D 9 27.72 -6.76 -22.17
CA HIS D 9 27.10 -7.86 -22.91
C HIS D 9 25.79 -7.41 -23.54
N TRP D 10 25.01 -6.63 -22.80
CA TRP D 10 23.74 -6.09 -23.28
C TRP D 10 23.97 -5.09 -24.41
N THR D 11 24.93 -4.19 -24.21
CA THR D 11 25.32 -3.20 -25.22
C THR D 11 25.84 -3.90 -26.48
N GLY D 12 26.56 -5.01 -26.26
CA GLY D 12 27.06 -5.84 -27.36
C GLY D 12 25.93 -6.40 -28.19
N GLU D 13 24.86 -6.84 -27.52
CA GLU D 13 23.68 -7.39 -28.19
C GLU D 13 23.00 -6.37 -29.12
N ARG D 14 23.03 -5.10 -28.74
CA ARG D 14 22.40 -4.03 -29.52
C ARG D 14 23.28 -3.58 -30.68
N VAL D 15 24.60 -3.61 -30.48
CA VAL D 15 25.56 -3.23 -31.52
C VAL D 15 25.48 -4.19 -32.71
N VAL D 16 25.52 -5.49 -32.45
CA VAL D 16 25.44 -6.51 -33.52
C VAL D 16 24.08 -6.48 -34.22
N SER D 17 23.04 -6.06 -33.50
CA SER D 17 21.68 -5.98 -34.04
C SER D 17 21.55 -4.88 -35.10
N VAL D 18 22.06 -3.69 -34.80
CA VAL D 18 22.03 -2.58 -35.76
C VAL D 18 22.92 -2.85 -36.97
N LEU D 19 23.98 -3.63 -36.76
CA LEU D 19 24.81 -4.12 -37.86
C LEU D 19 24.01 -5.06 -38.74
N LEU D 20 23.43 -6.10 -38.14
CA LEU D 20 22.64 -7.10 -38.87
C LEU D 20 21.48 -6.44 -39.61
N LEU D 21 20.91 -5.39 -39.02
CA LEU D 21 19.90 -4.58 -39.67
C LEU D 21 20.47 -3.87 -40.89
N GLY D 22 21.61 -3.20 -40.70
CA GLY D 22 22.27 -2.46 -41.76
C GLY D 22 22.84 -3.34 -42.88
N LEU D 23 23.20 -4.57 -42.53
CA LEU D 23 23.88 -5.46 -43.47
C LEU D 23 22.96 -6.13 -44.49
N LEU D 24 21.68 -6.31 -44.14
CA LEU D 24 20.74 -7.00 -45.04
C LEU D 24 20.35 -6.20 -46.29
N PRO D 25 20.22 -4.87 -46.19
CA PRO D 25 20.10 -4.09 -47.43
C PRO D 25 21.45 -3.89 -48.10
N ALA D 26 22.50 -3.76 -47.30
CA ALA D 26 23.87 -3.57 -47.80
C ALA D 26 24.33 -4.75 -48.66
N ALA D 27 23.99 -5.96 -48.22
CA ALA D 27 24.31 -7.19 -48.95
C ALA D 27 23.53 -7.29 -50.25
N TYR D 28 22.31 -6.75 -50.26
CA TYR D 28 21.50 -6.66 -51.47
C TYR D 28 22.06 -5.62 -52.44
N LEU D 29 22.46 -4.47 -51.91
CA LEU D 29 23.00 -3.38 -52.71
C LEU D 29 24.24 -3.80 -53.51
N ASN D 30 25.29 -4.22 -52.80
CA ASN D 30 26.47 -4.81 -53.44
C ASN D 30 26.85 -6.17 -52.83
N PRO D 31 26.50 -7.27 -53.52
CA PRO D 31 26.75 -8.62 -53.03
C PRO D 31 28.17 -9.13 -53.32
N CYS D 32 29.14 -8.59 -52.59
CA CYS D 32 30.54 -8.95 -52.78
C CYS D 32 30.99 -10.06 -51.83
N SER D 33 32.25 -10.46 -51.97
CA SER D 33 32.82 -11.55 -51.17
C SER D 33 33.07 -11.15 -49.72
N ALA D 34 33.57 -9.93 -49.51
CA ALA D 34 33.86 -9.42 -48.16
C ALA D 34 32.58 -9.22 -47.35
N MET D 35 31.48 -8.93 -48.05
CA MET D 35 30.16 -8.82 -47.43
C MET D 35 29.70 -10.19 -46.92
N ASP D 36 30.00 -11.23 -47.68
CA ASP D 36 29.62 -12.60 -47.34
C ASP D 36 30.16 -13.06 -45.99
N TYR D 37 31.41 -12.72 -45.70
CA TYR D 37 32.05 -13.11 -44.45
C TYR D 37 31.51 -12.33 -43.25
N SER D 38 31.45 -11.01 -43.37
CA SER D 38 30.90 -10.15 -42.32
C SER D 38 29.43 -10.48 -42.05
N LEU D 39 28.72 -10.91 -43.10
CA LEU D 39 27.34 -11.37 -43.01
C LEU D 39 27.25 -12.68 -42.24
N ALA D 40 28.24 -13.56 -42.45
CA ALA D 40 28.32 -14.83 -41.75
C ALA D 40 28.66 -14.65 -40.27
N ALA D 41 29.55 -13.68 -40.00
CA ALA D 41 30.00 -13.39 -38.63
C ALA D 41 28.92 -12.73 -37.79
N ALA D 42 28.17 -11.82 -38.41
CA ALA D 42 27.10 -11.10 -37.73
C ALA D 42 25.90 -11.98 -37.45
N LEU D 43 25.57 -12.87 -38.39
CA LEU D 43 24.49 -13.82 -38.22
C LEU D 43 24.75 -14.80 -37.08
N THR D 44 25.97 -15.35 -37.05
CA THR D 44 26.34 -16.38 -36.09
C THR D 44 26.45 -15.86 -34.65
N LEU D 45 27.01 -14.66 -34.47
CA LEU D 45 27.11 -14.04 -33.15
C LEU D 45 25.75 -13.70 -32.56
N HIS D 46 24.95 -12.96 -33.32
CA HIS D 46 23.61 -12.55 -32.91
C HIS D 46 22.73 -13.76 -32.58
N GLY D 47 22.91 -14.84 -33.34
CA GLY D 47 22.23 -16.10 -33.08
C GLY D 47 22.71 -16.79 -31.81
N HIS D 48 24.02 -16.70 -31.56
CA HIS D 48 24.62 -17.30 -30.36
C HIS D 48 24.16 -16.60 -29.07
N TRP D 49 24.16 -15.27 -29.09
CA TRP D 49 23.68 -14.47 -27.96
C TRP D 49 22.16 -14.55 -27.84
N GLY D 50 21.49 -14.67 -28.98
CA GLY D 50 20.03 -14.80 -29.02
C GLY D 50 19.55 -16.04 -28.32
N ILE D 51 20.06 -17.20 -28.76
CA ILE D 51 19.75 -18.48 -28.12
C ILE D 51 20.31 -18.51 -26.68
N GLY D 52 21.44 -17.83 -26.49
CA GLY D 52 22.05 -17.68 -25.17
C GLY D 52 21.07 -17.23 -24.09
N GLN D 53 20.19 -16.30 -24.46
CA GLN D 53 19.14 -15.82 -23.55
C GLN D 53 18.08 -16.89 -23.31
N VAL D 54 17.63 -17.52 -24.40
CA VAL D 54 16.61 -18.57 -24.33
C VAL D 54 17.05 -19.68 -23.37
N VAL D 55 18.36 -19.97 -23.38
CA VAL D 55 18.96 -20.95 -22.47
C VAL D 55 18.86 -20.46 -21.02
N THR D 56 19.37 -19.26 -20.76
CA THR D 56 19.36 -18.69 -19.40
C THR D 56 17.96 -18.43 -18.85
N ASP D 57 16.97 -18.33 -19.74
CA ASP D 57 15.58 -18.11 -19.35
C ASP D 57 14.86 -19.39 -18.92
N TYR D 58 15.08 -20.47 -19.65
CA TYR D 58 14.33 -21.71 -19.44
C TYR D 58 15.12 -22.86 -18.78
N VAL D 59 16.40 -22.99 -19.12
CA VAL D 59 17.22 -24.09 -18.62
C VAL D 59 17.47 -23.92 -17.11
N ARG D 60 16.79 -24.75 -16.32
CA ARG D 60 16.80 -24.62 -14.86
C ARG D 60 17.93 -25.39 -14.19
N GLY D 61 18.41 -24.85 -13.07
CA GLY D 61 19.45 -25.49 -12.28
C GLY D 61 20.85 -25.26 -12.82
N ASP D 62 21.76 -26.17 -12.48
CA ASP D 62 23.16 -26.07 -12.89
C ASP D 62 23.57 -27.20 -13.82
N ALA D 63 23.04 -28.40 -13.58
CA ALA D 63 23.37 -29.61 -14.34
C ALA D 63 23.19 -29.43 -15.85
N LEU D 64 22.01 -28.99 -16.26
CA LEU D 64 21.71 -28.75 -17.67
C LEU D 64 22.28 -27.41 -18.16
N GLN D 65 22.40 -26.46 -17.24
CA GLN D 65 22.92 -25.11 -17.52
C GLN D 65 24.32 -25.16 -18.15
N LYS D 66 25.21 -25.96 -17.55
CA LYS D 66 26.57 -26.15 -18.05
C LYS D 66 26.58 -26.83 -19.42
N ALA D 67 25.71 -27.82 -19.60
CA ALA D 67 25.62 -28.59 -20.83
C ALA D 67 25.06 -27.77 -22.00
N ALA D 68 24.00 -27.02 -21.74
CA ALA D 68 23.31 -26.24 -22.76
C ALA D 68 24.15 -25.08 -23.29
N LYS D 69 24.95 -24.47 -22.41
CA LYS D 69 25.85 -23.38 -22.81
C LYS D 69 27.06 -23.90 -23.57
N ALA D 70 27.43 -25.15 -23.32
CA ALA D 70 28.52 -25.82 -24.03
C ALA D 70 28.04 -26.34 -25.39
N GLY D 71 26.83 -26.90 -25.40
CA GLY D 71 26.21 -27.42 -26.62
C GLY D 71 25.86 -26.33 -27.62
N LEU D 72 25.46 -25.17 -27.11
CA LEU D 72 25.21 -23.99 -27.95
C LEU D 72 26.51 -23.47 -28.57
N LEU D 73 27.57 -23.45 -27.76
CA LEU D 73 28.89 -22.99 -28.21
C LEU D 73 29.46 -23.87 -29.33
N ALA D 74 29.32 -25.19 -29.15
CA ALA D 74 29.76 -26.15 -30.16
C ALA D 74 28.99 -25.97 -31.46
N LEU D 75 27.68 -25.78 -31.35
CA LEU D 75 26.82 -25.54 -32.50
C LEU D 75 27.25 -24.28 -33.23
N SER D 76 27.45 -23.19 -32.47
CA SER D 76 27.87 -21.90 -33.02
C SER D 76 29.22 -21.97 -33.72
N ALA D 77 30.18 -22.65 -33.09
CA ALA D 77 31.51 -22.84 -33.66
C ALA D 77 31.42 -23.62 -34.98
N PHE D 78 30.59 -24.65 -35.00
CA PHE D 78 30.34 -25.45 -36.20
C PHE D 78 29.59 -24.67 -37.27
N THR D 79 28.73 -23.75 -36.84
CA THR D 79 27.92 -22.94 -37.77
C THR D 79 28.77 -21.89 -38.50
N PHE D 80 29.56 -21.14 -37.75
CA PHE D 80 30.41 -20.09 -38.33
C PHE D 80 31.49 -20.67 -39.24
N ALA D 81 32.09 -21.79 -38.84
CA ALA D 81 33.10 -22.48 -39.64
C ALA D 81 32.50 -23.06 -40.92
N GLY D 82 31.25 -23.50 -40.84
CA GLY D 82 30.52 -24.05 -41.98
C GLY D 82 30.17 -23.00 -43.02
N LEU D 83 29.88 -21.79 -42.55
CA LEU D 83 29.54 -20.67 -43.43
C LEU D 83 30.77 -20.09 -44.13
N CYS D 84 31.89 -20.02 -43.40
CA CYS D 84 33.15 -19.58 -43.98
C CYS D 84 33.64 -20.55 -45.04
N TYR D 85 33.42 -21.84 -44.81
CA TYR D 85 33.74 -22.88 -45.78
C TYR D 85 32.90 -22.70 -47.03
N PHE D 86 31.64 -22.31 -46.85
CA PHE D 86 30.73 -22.05 -47.96
C PHE D 86 31.12 -20.79 -48.74
N ASN D 87 31.60 -19.78 -48.02
CA ASN D 87 32.06 -18.53 -48.64
C ASN D 87 33.38 -18.72 -49.40
N TYR D 88 34.28 -19.51 -48.82
CA TYR D 88 35.62 -19.72 -49.38
C TYR D 88 35.62 -20.67 -50.58
N HIS D 89 34.94 -21.81 -50.44
CA HIS D 89 34.98 -22.85 -51.46
C HIS D 89 33.78 -22.88 -52.41
N ASP D 90 32.69 -22.21 -52.03
CA ASP D 90 31.48 -22.18 -52.85
C ASP D 90 31.10 -20.74 -53.22
N VAL D 91 29.91 -20.56 -53.77
CA VAL D 91 29.46 -19.27 -54.31
C VAL D 91 29.27 -18.16 -53.27
N GLY D 92 29.11 -18.55 -52.00
CA GLY D 92 28.93 -17.58 -50.92
C GLY D 92 27.46 -17.27 -50.67
N ILE D 93 27.17 -16.79 -49.46
CA ILE D 93 25.78 -16.52 -49.04
C ILE D 93 25.01 -15.68 -50.06
N CYS D 94 25.58 -14.54 -50.44
CA CYS D 94 24.92 -13.60 -51.36
C CYS D 94 24.49 -14.23 -52.67
N LYS D 95 25.45 -14.82 -53.39
CA LYS D 95 25.19 -15.48 -54.66
C LYS D 95 24.24 -16.67 -54.50
N ALA D 96 24.33 -17.36 -53.37
CA ALA D 96 23.47 -18.51 -53.05
C ALA D 96 22.00 -18.11 -52.95
N VAL D 97 21.74 -16.97 -52.32
CA VAL D 97 20.38 -16.42 -52.20
C VAL D 97 19.83 -16.06 -53.57
N ALA D 98 20.63 -15.34 -54.35
CA ALA D 98 20.26 -14.91 -55.71
C ALA D 98 19.90 -16.08 -56.61
N MET D 99 20.66 -17.17 -56.49
CA MET D 99 20.39 -18.40 -57.24
C MET D 99 19.12 -19.08 -56.73
N LEU D 100 19.01 -19.20 -55.42
CA LEU D 100 17.85 -19.81 -54.77
C LEU D 100 16.56 -19.07 -55.12
N TRP D 101 16.64 -17.76 -55.24
CA TRP D 101 15.47 -16.93 -55.51
C TRP D 101 15.06 -16.98 -56.98
N LYS D 102 16.05 -16.93 -57.87
CA LYS D 102 15.81 -17.13 -59.30
C LYS D 102 15.58 -18.62 -59.56
N LEU D 103 14.41 -19.11 -59.13
CA LEU D 103 14.08 -20.52 -59.18
C LEU D 103 12.57 -20.72 -59.31
PA FAD E . -2.38 2.47 11.85
O1A FAD E . -1.77 3.27 10.72
O2A FAD E . -3.87 2.49 11.79
O5B FAD E . -1.82 0.97 11.75
C5B FAD E . -2.32 -0.03 12.61
C4B FAD E . -1.29 -1.15 12.68
O4B FAD E . -1.51 -1.94 13.84
C3B FAD E . -1.38 -2.08 11.48
O3B FAD E . -0.10 -2.17 10.91
C2B FAD E . -1.80 -3.43 12.02
O2B FAD E . -1.04 -4.47 11.47
C1B FAD E . -1.53 -3.32 13.51
N9A FAD E . -2.56 -4.03 14.27
C8A FAD E . -3.85 -3.64 14.54
N7A FAD E . -4.44 -4.59 15.28
C5A FAD E . -3.56 -5.59 15.51
C6A FAD E . -3.65 -6.80 16.20
N6A FAD E . -4.83 -7.41 16.24
N1A FAD E . -2.54 -7.62 16.25
C2A FAD E . -1.36 -7.26 15.62
N3A FAD E . -1.29 -6.07 14.93
C4A FAD E . -2.36 -5.25 14.89
N1 FAD E . -3.81 12.13 9.50
C2 FAD E . -3.00 13.19 9.16
O2 FAD E . -2.27 13.70 10.01
N3 FAD E . -3.02 13.66 7.86
C4 FAD E . -3.84 13.06 6.92
O4 FAD E . -3.85 13.48 5.77
C4X FAD E . -4.67 11.99 7.27
N5 FAD E . -5.50 11.39 6.34
C5X FAD E . -6.30 10.33 6.70
C6 FAD E . -7.13 9.73 5.75
C7 FAD E . -7.96 8.66 6.11
C7M FAD E . -8.85 8.02 5.07
C8 FAD E . -7.93 8.19 7.42
C8M FAD E . -8.81 7.05 7.86
C9 FAD E . -7.10 8.79 8.36
C9A FAD E . -6.28 9.86 8.01
N10 FAD E . -5.47 10.46 8.95
C10 FAD E . -4.65 11.53 8.58
C1' FAD E . -5.43 9.94 10.36
C2' FAD E . -4.15 9.10 10.49
O2' FAD E . -3.73 8.66 9.20
C3' FAD E . -4.29 7.88 11.40
O3' FAD E . -4.64 8.30 12.70
C4' FAD E . -2.96 7.10 11.43
O4' FAD E . -2.81 6.46 10.20
C5' FAD E . -2.89 6.06 12.55
O5' FAD E . -1.63 5.42 12.44
P FAD E . -1.08 4.39 13.54
O1P FAD E . 0.40 4.18 13.35
O2P FAD E . -1.38 4.88 14.94
O3P FAD E . -1.86 2.99 13.28
FE1 FES F . -6.87 -1.44 -0.05
FE2 FES F . -8.00 -2.79 -2.51
S1 FES F . -6.30 -1.43 -2.17
S2 FES F . -8.16 -3.19 -0.36
FE1 SF4 G . 3.31 -0.65 -8.02
FE2 SF4 G . 1.38 -2.52 -8.20
FE3 SF4 G . 1.70 -0.71 -10.20
FE4 SF4 G . 3.54 -2.66 -9.82
S1 SF4 G . 1.36 -2.97 -10.46
S2 SF4 G . 3.98 -0.44 -10.21
S3 SF4 G . 3.55 -2.88 -7.53
S4 SF4 G . 1.06 -0.24 -8.05
FE1 F3S H . 8.12 -8.35 -17.46
FE3 F3S H . 9.84 -6.44 -18.38
FE4 F3S H . 7.59 -6.25 -18.13
S1 F3S H . 9.44 -8.44 -19.22
S2 F3S H . 6.02 -7.70 -17.71
S3 F3S H . 8.92 -6.59 -16.39
S4 F3S H . 8.72 -4.72 -19.18
C1 NBI I . 10.06 -14.66 -22.44
N1 NBI I . 6.67 -15.98 -23.46
O1 NBI I . 8.09 -16.78 -21.94
C2 NBI I . 8.88 -15.00 -23.29
N2 NBI I . 10.26 -15.25 -21.20
O2 NBI I . 9.62 -14.86 -20.23
C3 NBI I . 8.74 -14.38 -24.53
O3 NBI I . 11.05 -16.17 -21.06
C4 NBI I . 9.70 -13.47 -24.96
C5 NBI I . 10.80 -13.14 -24.16
C6 NBI I . 10.99 -13.73 -22.92
C7 NBI I . 7.84 -16.00 -22.84
C8 NBI I . 5.56 -16.53 -22.91
C9 NBI I . 4.67 -15.72 -22.20
C10 NBI I . 3.54 -16.28 -21.64
C11 NBI I . 3.27 -17.64 -21.79
C12 NBI I . 4.16 -18.45 -22.50
C13 NBI I . 5.31 -17.89 -23.07
CHA HEM J . 16.23 -11.58 -30.78
CHB HEM J . 17.38 -7.82 -33.60
CHC HEM J . 17.32 -10.86 -37.35
CHD HEM J . 18.20 -14.46 -34.20
C1A HEM J . 16.41 -10.28 -31.21
C2A HEM J . 16.11 -9.07 -30.47
C3A HEM J . 16.42 -8.02 -31.26
C4A HEM J . 16.94 -8.54 -32.51
CMA HEM J . 16.28 -6.52 -30.92
CAA HEM J . 15.50 -9.04 -29.05
CBA HEM J . 16.51 -8.74 -27.95
CGA HEM J . 15.74 -8.39 -26.70
O1A HEM J . 15.67 -7.17 -26.36
O2A HEM J . 15.20 -9.32 -26.05
C1B HEM J . 17.32 -8.27 -34.90
C2B HEM J . 17.22 -7.48 -36.12
C3B HEM J . 17.20 -8.34 -37.15
C4B HEM J . 17.30 -9.69 -36.63
CMB HEM J . 17.14 -5.95 -36.21
CAB HEM J . 17.11 -7.96 -38.64
CBB HEM J . 18.24 -7.88 -39.35
C1C HEM J . 17.66 -12.10 -36.85
C2C HEM J . 18.07 -13.28 -37.59
C3C HEM J . 18.31 -14.27 -36.73
C4C HEM J . 18.06 -13.77 -35.39
CMC HEM J . 18.18 -13.37 -39.14
CAC HEM J . 18.76 -15.71 -37.09
CBC HEM J . 20.06 -16.01 -37.06
C1D HEM J . 17.69 -14.08 -32.98
C2D HEM J . 17.55 -14.91 -31.79
C3D HEM J . 16.93 -14.00 -30.72
C4D HEM J . 16.76 -12.71 -31.36
CMD HEM J . 17.93 -16.39 -31.63
CAD HEM J . 16.56 -14.38 -29.27
CBD HEM J . 15.06 -14.28 -29.02
CGD HEM J . 14.78 -13.50 -27.76
O1D HEM J . 13.68 -12.89 -27.67
O2D HEM J . 15.62 -13.51 -26.81
NA HEM J . 16.91 -9.92 -32.45
NB HEM J . 17.37 -9.60 -35.25
NC HEM J . 17.68 -12.45 -35.50
ND HEM J . 17.22 -12.80 -32.68
FE HEM J . 17.24 -11.21 -33.98
C1 EPH K . 18.41 -11.61 -54.07
C2 EPH K . 19.17 -11.15 -55.32
C4 EPH K . 16.06 -10.81 -53.71
O2 EPH K . 17.51 -10.62 -53.58
O4 EPH K . 15.56 -10.67 -54.81
C18 EPH K . 15.20 -11.16 -52.52
C19 EPH K . 15.96 -11.05 -51.22
C20 EPH K . 15.52 -12.14 -50.23
C21 EPH K . 16.38 -12.12 -48.98
C22 EPH K . 15.91 -13.17 -47.98
C23 EPH K . 16.86 -14.38 -47.97
C24 EPH K . 16.10 -15.67 -47.73
C25 EPH K . 16.88 -16.88 -48.22
C26 EPH K . 17.52 -17.61 -47.04
C27 EPH K . 18.42 -18.76 -47.51
C28 EPH K . 19.90 -18.38 -47.46
C29 EPH K . 20.56 -18.87 -46.18
C30 EPH K . 21.61 -17.87 -45.71
C31 EPH K . 22.41 -18.43 -44.55
C37 EPH K . 18.61 -9.86 -55.90
O5 EPH K . 18.97 -9.73 -57.28
C3 EPH K . 21.03 -10.39 -53.86
O1 EPH K . 20.59 -11.02 -55.10
O3 EPH K . 20.83 -9.20 -53.69
C5 EPH K . 21.76 -11.22 -52.82
C6 EPH K . 21.85 -10.49 -51.47
C7 EPH K . 20.86 -11.07 -50.46
C8 EPH K . 21.37 -10.88 -49.04
C9 EPH K . 20.37 -11.40 -48.02
C10 EPH K . 20.92 -12.61 -47.27
C11 EPH K . 20.39 -12.64 -45.84
C12 EPH K . 20.35 -14.07 -45.28
C13 EPH K . 19.19 -14.24 -44.30
C14 EPH K . 19.27 -15.58 -43.59
C15 EPH K . 17.87 -16.10 -43.25
C16 EPH K . 17.90 -17.58 -42.89
C17 EPH K . 16.57 -18.24 -43.10
P1 EPH K . 20.19 -8.79 -57.77
O6 EPH K . 20.99 -9.55 -59.18
O7 EPH K . 21.27 -8.56 -56.62
O8 EPH K . 19.47 -7.41 -58.20
C38 EPH K . 19.63 -6.21 -57.45
C39 EPH K . 20.44 -5.19 -58.24
N1 EPH K . 21.77 -5.11 -57.68
#